data_5HK1
#
_entry.id   5HK1
#
_cell.length_a   85.556
_cell.length_b   126.062
_cell.length_c   109.702
_cell.angle_alpha   90.00
_cell.angle_beta   90.00
_cell.angle_gamma   90.00
#
_symmetry.space_group_name_H-M   'P 21 21 2'
#
loop_
_entity.id
_entity.type
_entity.pdbx_description
1 polymer 'Sigma non-opioid intracellular receptor 1'
2 non-polymer 3-(4-methylphenyl)-5-(1-propyl-3,6-dihydro-2H-pyridin-5-yl)-1,2-oxazole
3 non-polymer 'SULFATE ION'
4 non-polymer '(2R)-2,3-dihydroxypropyl (9Z)-octadec-9-enoate'
5 water water
#
_entity_poly.entity_id   1
_entity_poly.type   'polypeptide(L)'
_entity_poly.pdbx_seq_one_letter_code
;GPGSMQWAVGRRWAWAALLLAVAAVLTQVVWLWLGTQSFVFQREEIAQLARQYAGLDHELAFSRLIVELRRLHPGHVLPD
EELQWVFVNAGGWMGAMCLLHASLSEYVLLFGTALGSRGHSGRYWAEISDTIISGTFHQWREGTTKSEVFYPGETVVHGP
GEATAVEWGPNTWMVEYGRGVIPSTLAFALADTVFSTQDFLTLFYTLRSYARGLRLELTTYLFGQDP
;
_entity_poly.pdbx_strand_id   A,B,C
#
loop_
_chem_comp.id
_chem_comp.type
_chem_comp.name
_chem_comp.formula
61W non-polymer 3-(4-methylphenyl)-5-(1-propyl-3,6-dihydro-2H-pyridin-5-yl)-1,2-oxazole 'C18 H22 N2 O'
OLC non-polymer '(2R)-2,3-dihydroxypropyl (9Z)-octadec-9-enoate' 'C21 H40 O4'
SO4 non-polymer 'SULFATE ION' 'O4 S -2'
#
# COMPACT_ATOMS: atom_id res chain seq x y z
N ARG A 12 14.44 -43.49 -31.74
CA ARG A 12 13.91 -42.68 -30.65
C ARG A 12 13.05 -41.53 -31.19
N TRP A 13 13.04 -41.38 -32.51
CA TRP A 13 12.25 -40.33 -33.15
C TRP A 13 10.76 -40.63 -33.05
N ALA A 14 10.43 -41.91 -32.96
CA ALA A 14 9.04 -42.34 -32.86
C ALA A 14 8.49 -42.10 -31.45
N TRP A 15 9.39 -42.04 -30.47
CA TRP A 15 8.99 -41.79 -29.09
C TRP A 15 8.39 -40.41 -28.92
N ALA A 16 8.88 -39.44 -29.71
CA ALA A 16 8.34 -38.09 -29.68
C ALA A 16 6.91 -38.06 -30.21
N ALA A 17 6.63 -38.96 -31.16
CA ALA A 17 5.29 -39.09 -31.71
C ALA A 17 4.34 -39.72 -30.69
N LEU A 18 4.86 -40.69 -29.94
CA LEU A 18 4.08 -41.35 -28.90
C LEU A 18 3.84 -40.43 -27.72
N LEU A 19 4.82 -39.56 -27.44
CA LEU A 19 4.71 -38.60 -26.35
C LEU A 19 3.56 -37.64 -26.62
N LEU A 20 3.50 -37.12 -27.85
CA LEU A 20 2.44 -36.20 -28.23
C LEU A 20 1.17 -36.94 -28.61
N ALA A 21 1.27 -38.26 -28.75
CA ALA A 21 0.10 -39.09 -29.03
C ALA A 21 -0.82 -39.10 -27.82
N VAL A 22 -0.30 -39.58 -26.69
CA VAL A 22 -1.06 -39.61 -25.45
C VAL A 22 -1.35 -38.21 -24.95
N ALA A 23 -0.49 -37.26 -25.31
CA ALA A 23 -0.72 -35.86 -24.96
C ALA A 23 -1.95 -35.32 -25.69
N ALA A 24 -2.10 -35.73 -26.94
CA ALA A 24 -3.24 -35.32 -27.74
C ALA A 24 -4.55 -35.87 -27.17
N VAL A 25 -4.50 -37.13 -26.72
CA VAL A 25 -5.69 -37.79 -26.19
C VAL A 25 -6.08 -37.20 -24.83
N LEU A 26 -5.09 -37.02 -23.98
CA LEU A 26 -5.32 -36.47 -22.64
C LEU A 26 -5.89 -35.05 -22.72
N THR A 27 -5.32 -34.24 -23.60
CA THR A 27 -5.82 -32.88 -23.81
C THR A 27 -7.22 -32.91 -24.41
N GLN A 28 -7.52 -33.94 -25.18
CA GLN A 28 -8.85 -34.13 -25.75
C GLN A 28 -9.84 -34.52 -24.65
N VAL A 29 -9.39 -35.36 -23.73
CA VAL A 29 -10.20 -35.76 -22.59
C VAL A 29 -10.52 -34.54 -21.72
N VAL A 30 -9.51 -33.74 -21.43
CA VAL A 30 -9.66 -32.54 -20.61
C VAL A 30 -10.62 -31.55 -21.27
N TRP A 31 -10.45 -31.32 -22.57
CA TRP A 31 -11.29 -30.39 -23.30
C TRP A 31 -12.76 -30.78 -23.25
N LEU A 32 -13.04 -32.07 -23.43
CA LEU A 32 -14.40 -32.58 -23.37
C LEU A 32 -14.98 -32.42 -21.97
N TRP A 33 -14.15 -32.60 -20.96
CA TRP A 33 -14.57 -32.50 -19.57
C TRP A 33 -14.87 -31.05 -19.20
N LEU A 34 -14.03 -30.13 -19.67
CA LEU A 34 -14.18 -28.71 -19.37
C LEU A 34 -15.44 -28.12 -20.02
N GLY A 35 -15.95 -28.79 -21.04
CA GLY A 35 -17.10 -28.29 -21.78
C GLY A 35 -18.40 -28.93 -21.36
N THR A 36 -18.33 -30.16 -20.86
CA THR A 36 -19.52 -30.88 -20.43
C THR A 36 -19.69 -30.77 -18.93
N GLN A 37 -19.01 -29.80 -18.34
CA GLN A 37 -19.08 -29.59 -16.90
C GLN A 37 -20.18 -28.60 -16.52
N SER A 38 -20.89 -28.91 -15.44
CA SER A 38 -21.97 -28.05 -14.97
C SER A 38 -21.56 -27.35 -13.67
N PHE A 39 -22.31 -26.33 -13.29
CA PHE A 39 -21.98 -25.54 -12.11
C PHE A 39 -22.85 -25.92 -10.91
N VAL A 40 -22.25 -25.84 -9.72
CA VAL A 40 -22.93 -26.21 -8.48
C VAL A 40 -23.98 -25.15 -8.10
N PHE A 41 -23.62 -23.89 -8.27
CA PHE A 41 -24.50 -22.79 -7.87
C PHE A 41 -25.02 -21.99 -9.05
N GLN A 42 -26.15 -21.32 -8.84
CA GLN A 42 -26.65 -20.34 -9.78
C GLN A 42 -26.44 -18.95 -9.19
N ARG A 43 -26.20 -17.96 -10.06
CA ARG A 43 -25.97 -16.60 -9.60
C ARG A 43 -27.17 -16.06 -8.82
N GLU A 44 -28.37 -16.31 -9.35
CA GLU A 44 -29.59 -15.86 -8.70
C GLU A 44 -29.81 -16.56 -7.37
N GLU A 45 -29.42 -17.83 -7.31
CA GLU A 45 -29.58 -18.64 -6.10
C GLU A 45 -28.85 -18.02 -4.92
N ILE A 46 -27.55 -17.76 -5.11
CA ILE A 46 -26.73 -17.16 -4.06
C ILE A 46 -27.26 -15.78 -3.68
N ALA A 47 -27.62 -14.98 -4.68
CA ALA A 47 -28.12 -13.63 -4.46
C ALA A 47 -29.40 -13.63 -3.63
N GLN A 48 -30.29 -14.57 -3.92
CA GLN A 48 -31.58 -14.62 -3.24
C GLN A 48 -31.43 -15.01 -1.77
N LEU A 49 -30.53 -15.96 -1.49
CA LEU A 49 -30.27 -16.37 -0.12
C LEU A 49 -29.73 -15.22 0.72
N ALA A 50 -28.79 -14.49 0.16
CA ALA A 50 -28.18 -13.36 0.85
C ALA A 50 -29.20 -12.24 1.06
N ARG A 51 -30.06 -12.05 0.07
CA ARG A 51 -31.08 -11.00 0.14
C ARG A 51 -32.11 -11.31 1.23
N GLN A 52 -32.37 -12.60 1.44
CA GLN A 52 -33.31 -13.04 2.46
C GLN A 52 -32.82 -12.73 3.88
N TYR A 53 -31.51 -12.74 4.05
CA TYR A 53 -30.92 -12.65 5.39
C TYR A 53 -30.32 -11.28 5.70
N ALA A 54 -30.43 -10.36 4.74
CA ALA A 54 -29.76 -9.06 4.85
C ALA A 54 -30.32 -8.18 5.97
N GLY A 55 -31.54 -8.47 6.41
CA GLY A 55 -32.17 -7.70 7.46
C GLY A 55 -31.71 -8.16 8.84
N LEU A 56 -31.11 -9.34 8.90
CA LEU A 56 -30.57 -9.87 10.15
C LEU A 56 -29.19 -9.29 10.40
N ASP A 57 -28.75 -9.34 11.66
CA ASP A 57 -27.37 -8.98 11.98
C ASP A 57 -26.45 -9.94 11.23
N HIS A 58 -25.33 -9.43 10.73
CA HIS A 58 -24.50 -10.18 9.80
C HIS A 58 -24.02 -11.52 10.35
N GLU A 59 -23.72 -11.55 11.65
CA GLU A 59 -23.30 -12.78 12.30
C GLU A 59 -24.34 -13.89 12.13
N LEU A 60 -25.59 -13.57 12.42
CA LEU A 60 -26.67 -14.54 12.30
C LEU A 60 -27.00 -14.82 10.84
N ALA A 61 -26.94 -13.78 10.01
CA ALA A 61 -27.17 -13.91 8.58
C ALA A 61 -26.17 -14.88 7.95
N PHE A 62 -24.91 -14.76 8.37
CA PHE A 62 -23.86 -15.66 7.91
C PHE A 62 -24.18 -17.10 8.29
N SER A 63 -24.55 -17.32 9.54
CA SER A 63 -24.85 -18.65 10.03
C SER A 63 -26.05 -19.27 9.29
N ARG A 64 -27.11 -18.49 9.12
CA ARG A 64 -28.30 -18.93 8.41
C ARG A 64 -27.97 -19.34 6.97
N LEU A 65 -27.16 -18.53 6.31
CA LEU A 65 -26.81 -18.76 4.91
C LEU A 65 -25.95 -20.02 4.73
N ILE A 66 -25.01 -20.22 5.64
CA ILE A 66 -24.12 -21.39 5.56
C ILE A 66 -24.92 -22.67 5.72
N VAL A 67 -25.79 -22.71 6.74
CA VAL A 67 -26.66 -23.86 6.98
C VAL A 67 -27.54 -24.14 5.77
N GLU A 68 -28.10 -23.09 5.19
CA GLU A 68 -29.00 -23.22 4.05
C GLU A 68 -28.27 -23.69 2.80
N LEU A 69 -27.02 -23.23 2.63
CA LEU A 69 -26.20 -23.67 1.50
C LEU A 69 -25.86 -25.15 1.60
N ARG A 70 -25.64 -25.61 2.83
CA ARG A 70 -25.27 -27.00 3.07
C ARG A 70 -26.40 -27.96 2.73
N ARG A 71 -27.64 -27.58 3.04
CA ARG A 71 -28.77 -28.46 2.78
C ARG A 71 -29.18 -28.43 1.30
N LEU A 72 -28.92 -27.31 0.64
CA LEU A 72 -29.20 -27.21 -0.78
C LEU A 72 -28.14 -27.92 -1.61
N HIS A 73 -26.89 -27.86 -1.16
CA HIS A 73 -25.79 -28.50 -1.86
C HIS A 73 -24.83 -29.22 -0.91
N PRO A 74 -25.27 -30.36 -0.36
CA PRO A 74 -24.41 -31.15 0.53
C PRO A 74 -23.17 -31.69 -0.19
N GLY A 75 -22.00 -31.51 0.44
CA GLY A 75 -20.76 -31.99 -0.13
C GLY A 75 -20.05 -30.94 -0.96
N HIS A 76 -20.55 -29.71 -0.92
CA HIS A 76 -19.96 -28.63 -1.68
C HIS A 76 -19.67 -27.41 -0.80
N VAL A 77 -20.00 -27.52 0.48
CA VAL A 77 -19.71 -26.46 1.44
C VAL A 77 -18.76 -26.98 2.53
N LEU A 78 -17.73 -26.20 2.82
CA LEU A 78 -16.74 -26.58 3.83
C LEU A 78 -17.35 -26.74 5.22
N PRO A 79 -16.86 -27.74 5.99
CA PRO A 79 -17.32 -27.99 7.35
C PRO A 79 -16.90 -26.89 8.32
N ASP A 80 -17.58 -26.80 9.46
CA ASP A 80 -17.28 -25.79 10.47
C ASP A 80 -15.82 -25.84 10.91
N GLU A 81 -15.25 -27.04 10.92
CA GLU A 81 -13.87 -27.23 11.33
C GLU A 81 -12.89 -26.57 10.36
N GLU A 82 -13.33 -26.34 9.13
CA GLU A 82 -12.46 -25.76 8.11
C GLU A 82 -12.92 -24.37 7.68
N LEU A 83 -13.78 -23.75 8.48
CA LEU A 83 -14.18 -22.37 8.24
C LEU A 83 -13.27 -21.44 9.03
N GLN A 84 -12.83 -20.37 8.38
CA GLN A 84 -11.87 -19.45 9.00
C GLN A 84 -11.92 -18.06 8.36
N TRP A 85 -11.89 -17.03 9.21
CA TRP A 85 -11.74 -15.66 8.73
C TRP A 85 -10.27 -15.36 8.48
N VAL A 86 -9.96 -14.88 7.29
CA VAL A 86 -8.60 -14.52 6.93
C VAL A 86 -8.58 -13.18 6.22
N PHE A 87 -7.73 -12.28 6.70
CA PHE A 87 -7.59 -10.94 6.11
C PHE A 87 -7.22 -11.01 4.63
N VAL A 88 -7.76 -10.09 3.85
CA VAL A 88 -7.38 -9.97 2.45
C VAL A 88 -6.87 -8.58 2.15
N ASN A 89 -5.64 -8.51 1.67
CA ASN A 89 -5.08 -7.23 1.24
C ASN A 89 -4.78 -7.26 -0.25
N ALA A 90 -5.50 -6.44 -1.00
CA ALA A 90 -5.39 -6.40 -2.45
C ALA A 90 -5.90 -5.07 -2.98
N GLY A 91 -5.21 -4.54 -3.99
CA GLY A 91 -5.65 -3.33 -4.66
C GLY A 91 -5.69 -2.09 -3.78
N GLY A 92 -5.01 -2.18 -2.63
CA GLY A 92 -4.93 -1.05 -1.73
C GLY A 92 -5.96 -1.10 -0.62
N TRP A 93 -6.95 -1.96 -0.77
CA TRP A 93 -7.97 -2.10 0.27
C TRP A 93 -7.69 -3.29 1.17
N MET A 94 -8.45 -3.39 2.25
CA MET A 94 -8.29 -4.47 3.20
C MET A 94 -9.63 -4.94 3.73
N GLY A 95 -9.88 -6.23 3.63
CA GLY A 95 -11.08 -6.83 4.18
C GLY A 95 -10.74 -8.17 4.80
N ALA A 96 -11.76 -8.99 5.00
CA ALA A 96 -11.57 -10.36 5.46
C ALA A 96 -12.55 -11.26 4.74
N MET A 97 -12.14 -12.48 4.45
CA MET A 97 -13.04 -13.42 3.80
C MET A 97 -13.14 -14.74 4.53
N CYS A 98 -14.25 -15.43 4.31
CA CYS A 98 -14.41 -16.80 4.79
C CYS A 98 -14.88 -17.66 3.63
N LEU A 99 -14.01 -18.56 3.19
CA LEU A 99 -14.29 -19.42 2.03
C LEU A 99 -15.27 -20.53 2.39
N LEU A 100 -16.35 -20.63 1.62
CA LEU A 100 -17.36 -21.66 1.83
C LEU A 100 -17.23 -22.76 0.79
N HIS A 101 -16.99 -22.36 -0.45
CA HIS A 101 -16.87 -23.28 -1.57
C HIS A 101 -15.81 -22.79 -2.53
N ALA A 102 -15.04 -23.70 -3.11
CA ALA A 102 -13.98 -23.32 -4.03
C ALA A 102 -13.58 -24.46 -4.96
N SER A 103 -13.81 -24.26 -6.25
CA SER A 103 -13.34 -25.19 -7.27
C SER A 103 -12.42 -24.43 -8.23
N LEU A 104 -12.19 -25.00 -9.40
CA LEU A 104 -11.36 -24.34 -10.40
C LEU A 104 -12.19 -23.34 -11.21
N SER A 105 -13.50 -23.42 -11.07
CA SER A 105 -14.41 -22.60 -11.87
C SER A 105 -15.35 -21.74 -11.05
N GLU A 106 -15.61 -22.15 -9.81
CA GLU A 106 -16.49 -21.38 -8.92
C GLU A 106 -15.88 -21.16 -7.55
N TYR A 107 -16.36 -20.13 -6.86
CA TYR A 107 -16.12 -19.99 -5.43
C TYR A 107 -17.27 -19.23 -4.77
N VAL A 108 -17.50 -19.53 -3.50
CA VAL A 108 -18.46 -18.79 -2.69
C VAL A 108 -17.80 -18.41 -1.38
N LEU A 109 -17.81 -17.12 -1.06
CA LEU A 109 -17.20 -16.66 0.18
C LEU A 109 -17.98 -15.52 0.83
N LEU A 110 -17.81 -15.39 2.14
CA LEU A 110 -18.30 -14.23 2.86
C LEU A 110 -17.16 -13.22 2.94
N PHE A 111 -17.45 -11.96 2.62
CA PHE A 111 -16.42 -10.93 2.65
C PHE A 111 -16.91 -9.68 3.38
N GLY A 112 -15.97 -8.91 3.92
CA GLY A 112 -16.30 -7.62 4.48
C GLY A 112 -15.20 -6.97 5.28
N THR A 113 -15.55 -5.87 5.93
CA THR A 113 -14.62 -5.09 6.72
C THR A 113 -15.35 -4.35 7.84
N ALA A 114 -14.72 -4.25 9.00
CA ALA A 114 -15.33 -3.56 10.13
C ALA A 114 -14.99 -2.08 10.10
N LEU A 115 -13.92 -1.73 9.41
CA LEU A 115 -13.44 -0.35 9.38
C LEU A 115 -13.82 0.39 8.10
N GLY A 116 -14.01 -0.37 7.01
CA GLY A 116 -14.21 0.20 5.70
C GLY A 116 -12.90 0.25 4.96
N SER A 117 -12.95 0.45 3.64
CA SER A 117 -11.75 0.44 2.82
C SER A 117 -12.01 0.93 1.39
N ARG A 118 -10.93 1.30 0.68
CA ARG A 118 -11.03 1.75 -0.70
C ARG A 118 -9.88 1.20 -1.54
N GLY A 119 -10.13 0.97 -2.83
CA GLY A 119 -9.08 0.52 -3.72
C GLY A 119 -9.49 0.03 -5.10
N HIS A 120 -8.75 -0.94 -5.60
CA HIS A 120 -8.92 -1.50 -6.93
C HIS A 120 -9.72 -2.81 -6.84
N SER A 121 -10.77 -2.76 -7.56
CA SER A 121 -11.66 -3.90 -7.53
C SER A 121 -10.93 -5.14 -7.98
N GLY A 122 -10.00 -4.94 -8.75
CA GLY A 122 -9.37 -6.02 -9.39
C GLY A 122 -9.96 -6.12 -10.76
N ARG A 123 -9.09 -6.55 -11.61
CA ARG A 123 -9.31 -6.98 -13.00
C ARG A 123 -9.21 -8.50 -13.15
N TYR A 124 -10.35 -9.17 -13.27
CA TYR A 124 -10.38 -10.63 -13.22
C TYR A 124 -10.76 -11.33 -14.53
N TRP A 125 -10.30 -12.57 -14.68
CA TRP A 125 -10.80 -13.47 -15.71
C TRP A 125 -12.02 -14.23 -15.17
N ALA A 126 -12.98 -13.51 -14.61
CA ALA A 126 -14.13 -14.13 -13.97
C ALA A 126 -15.27 -13.15 -13.78
N GLU A 127 -16.46 -13.67 -13.56
CA GLU A 127 -17.63 -12.85 -13.25
C GLU A 127 -17.92 -12.93 -11.76
N ILE A 128 -17.83 -11.80 -11.08
CA ILE A 128 -18.02 -11.75 -9.64
C ILE A 128 -19.35 -11.10 -9.27
N SER A 129 -20.08 -11.74 -8.35
CA SER A 129 -21.34 -11.18 -7.87
C SER A 129 -21.30 -10.98 -6.36
N ASP A 130 -21.46 -9.72 -5.94
CA ASP A 130 -21.49 -9.38 -4.52
C ASP A 130 -22.88 -8.92 -4.11
N THR A 131 -23.53 -9.71 -3.24
CA THR A 131 -24.81 -9.30 -2.67
C THR A 131 -24.59 -8.76 -1.27
N ILE A 132 -24.96 -7.52 -1.05
CA ILE A 132 -24.67 -6.82 0.21
C ILE A 132 -25.59 -7.25 1.34
N ILE A 133 -24.98 -7.57 2.47
CA ILE A 133 -25.71 -7.98 3.67
C ILE A 133 -25.91 -6.79 4.61
N SER A 134 -24.86 -5.99 4.75
CA SER A 134 -24.91 -4.80 5.58
C SER A 134 -23.89 -3.78 5.08
N GLY A 135 -24.04 -2.53 5.48
CA GLY A 135 -23.10 -1.48 5.11
C GLY A 135 -23.36 -0.87 3.75
N THR A 136 -22.30 -0.38 3.10
CA THR A 136 -22.43 0.26 1.81
C THR A 136 -21.30 -0.12 0.87
N PHE A 137 -21.65 -0.33 -0.41
CA PHE A 137 -20.67 -0.60 -1.45
C PHE A 137 -20.71 0.52 -2.48
N HIS A 138 -19.64 1.29 -2.57
CA HIS A 138 -19.53 2.31 -3.60
C HIS A 138 -18.72 1.77 -4.77
N GLN A 139 -19.21 2.01 -5.98
CA GLN A 139 -18.55 1.52 -7.17
C GLN A 139 -18.30 2.66 -8.16
N TRP A 140 -17.05 2.84 -8.55
CA TRP A 140 -16.70 3.83 -9.56
C TRP A 140 -16.20 3.12 -10.82
N ARG A 141 -17.06 3.07 -11.83
CA ARG A 141 -16.75 2.36 -13.08
C ARG A 141 -15.72 3.10 -13.93
N GLU A 142 -14.83 2.33 -14.55
CA GLU A 142 -13.79 2.87 -15.42
C GLU A 142 -14.40 3.67 -16.58
N GLY A 143 -13.77 4.79 -16.92
CA GLY A 143 -14.25 5.62 -18.01
C GLY A 143 -15.28 6.64 -17.59
N THR A 144 -15.82 6.49 -16.38
CA THR A 144 -16.84 7.40 -15.87
C THR A 144 -16.25 8.39 -14.87
N THR A 145 -17.03 9.41 -14.53
CA THR A 145 -16.60 10.40 -13.54
C THR A 145 -17.61 10.49 -12.40
N LYS A 146 -18.52 9.53 -12.33
CA LYS A 146 -19.48 9.47 -11.24
C LYS A 146 -19.52 8.06 -10.66
N SER A 147 -19.88 7.97 -9.38
CA SER A 147 -19.94 6.67 -8.72
C SER A 147 -21.38 6.28 -8.41
N GLU A 148 -21.57 4.98 -8.16
CA GLU A 148 -22.86 4.46 -7.73
C GLU A 148 -22.71 3.83 -6.35
N VAL A 149 -23.80 3.80 -5.60
CA VAL A 149 -23.79 3.16 -4.29
C VAL A 149 -24.82 2.04 -4.24
N PHE A 150 -24.44 0.92 -3.65
CA PHE A 150 -25.36 -0.19 -3.46
C PHE A 150 -25.60 -0.41 -1.97
N TYR A 151 -26.79 -0.87 -1.62
CA TYR A 151 -27.21 -1.02 -0.24
C TYR A 151 -27.56 -2.47 0.06
N PRO A 152 -27.70 -2.83 1.36
CA PRO A 152 -28.06 -4.21 1.75
C PRO A 152 -29.24 -4.80 0.97
N GLY A 153 -29.03 -5.98 0.43
CA GLY A 153 -30.05 -6.65 -0.36
C GLY A 153 -29.78 -6.55 -1.85
N GLU A 154 -28.95 -5.60 -2.23
CA GLU A 154 -28.65 -5.36 -3.64
C GLU A 154 -27.41 -6.12 -4.10
N THR A 155 -27.41 -6.53 -5.35
CA THR A 155 -26.30 -7.28 -5.92
C THR A 155 -25.56 -6.47 -6.98
N VAL A 156 -24.25 -6.40 -6.85
CA VAL A 156 -23.41 -5.74 -7.84
C VAL A 156 -22.59 -6.79 -8.58
N VAL A 157 -22.59 -6.71 -9.91
CA VAL A 157 -21.84 -7.67 -10.71
C VAL A 157 -20.58 -7.05 -11.30
N HIS A 158 -19.49 -7.80 -11.23
CA HIS A 158 -18.22 -7.37 -11.79
C HIS A 158 -17.86 -8.27 -12.96
N GLY A 159 -18.10 -7.80 -14.18
CA GLY A 159 -17.85 -8.58 -15.37
C GLY A 159 -16.37 -8.84 -15.59
N PRO A 160 -16.05 -9.89 -16.36
CA PRO A 160 -14.66 -10.22 -16.67
C PRO A 160 -13.96 -9.11 -17.45
N GLY A 161 -12.76 -8.74 -17.03
CA GLY A 161 -11.99 -7.71 -17.70
C GLY A 161 -12.38 -6.31 -17.30
N GLU A 162 -13.38 -6.20 -16.43
CA GLU A 162 -13.79 -4.89 -15.94
C GLU A 162 -12.97 -4.51 -14.72
N ALA A 163 -12.63 -3.22 -14.62
CA ALA A 163 -11.90 -2.72 -13.47
C ALA A 163 -12.65 -1.51 -12.90
N THR A 164 -12.87 -1.51 -11.58
CA THR A 164 -13.54 -0.40 -10.92
C THR A 164 -12.83 0.02 -9.65
N ALA A 165 -13.05 1.27 -9.26
CA ALA A 165 -12.65 1.72 -7.95
C ALA A 165 -13.77 1.42 -6.97
N VAL A 166 -13.44 0.78 -5.86
CA VAL A 166 -14.46 0.38 -4.89
C VAL A 166 -14.26 1.05 -3.54
N GLU A 167 -15.36 1.19 -2.80
CA GLU A 167 -15.30 1.73 -1.45
C GLU A 167 -16.35 1.06 -0.57
N TRP A 168 -15.90 0.44 0.52
CA TRP A 168 -16.82 -0.12 1.50
C TRP A 168 -16.92 0.82 2.69
N GLY A 169 -18.14 1.08 3.14
CA GLY A 169 -18.34 1.88 4.34
C GLY A 169 -18.03 1.03 5.56
N PRO A 170 -17.93 1.68 6.73
CA PRO A 170 -17.75 0.96 8.00
C PRO A 170 -18.79 -0.13 8.19
N ASN A 171 -18.34 -1.30 8.64
CA ASN A 171 -19.22 -2.43 8.91
C ASN A 171 -20.04 -2.86 7.69
N THR A 172 -19.34 -3.20 6.60
CA THR A 172 -19.97 -3.67 5.39
C THR A 172 -19.67 -5.15 5.18
N TRP A 173 -20.69 -5.94 4.89
CA TRP A 173 -20.53 -7.38 4.69
C TRP A 173 -21.34 -7.88 3.50
N MET A 174 -20.82 -8.88 2.82
CA MET A 174 -21.47 -9.38 1.60
C MET A 174 -21.17 -10.84 1.31
N VAL A 175 -22.03 -11.46 0.52
CA VAL A 175 -21.76 -12.79 -0.01
C VAL A 175 -21.24 -12.65 -1.43
N GLU A 176 -20.15 -13.34 -1.72
CA GLU A 176 -19.52 -13.24 -3.03
C GLU A 176 -19.57 -14.56 -3.78
N TYR A 177 -20.04 -14.52 -5.02
CA TYR A 177 -20.04 -15.69 -5.88
C TYR A 177 -19.25 -15.41 -7.15
N GLY A 178 -18.16 -16.14 -7.34
CA GLY A 178 -17.31 -15.95 -8.50
C GLY A 178 -17.39 -17.12 -9.46
N ARG A 179 -17.33 -16.80 -10.76
CA ARG A 179 -17.34 -17.83 -11.78
C ARG A 179 -16.38 -17.49 -12.91
N GLY A 180 -15.44 -18.39 -13.19
CA GLY A 180 -14.43 -18.16 -14.21
C GLY A 180 -13.17 -18.96 -13.94
N VAL A 181 -12.02 -18.39 -14.30
CA VAL A 181 -10.74 -19.03 -14.06
C VAL A 181 -10.23 -18.61 -12.69
N ILE A 182 -10.70 -19.29 -11.66
CA ILE A 182 -10.44 -18.92 -10.27
C ILE A 182 -8.96 -18.86 -9.85
N PRO A 183 -8.12 -19.81 -10.32
CA PRO A 183 -6.71 -19.70 -9.92
C PRO A 183 -6.01 -18.42 -10.39
N SER A 184 -6.59 -17.73 -11.37
CA SER A 184 -6.00 -16.49 -11.86
C SER A 184 -6.34 -15.30 -10.96
N THR A 185 -7.33 -15.48 -10.10
CA THR A 185 -7.76 -14.42 -9.21
C THR A 185 -6.84 -14.29 -7.99
N LEU A 186 -6.16 -15.39 -7.66
CA LEU A 186 -5.29 -15.42 -6.49
C LEU A 186 -4.08 -14.50 -6.64
N ALA A 187 -3.65 -14.28 -7.88
CA ALA A 187 -2.51 -13.42 -8.16
C ALA A 187 -2.78 -11.99 -7.67
N PHE A 188 -3.99 -11.51 -7.91
CA PHE A 188 -4.39 -10.18 -7.48
C PHE A 188 -4.68 -10.14 -5.98
N ALA A 189 -5.42 -11.14 -5.50
CA ALA A 189 -5.88 -11.16 -4.12
C ALA A 189 -4.74 -11.28 -3.10
N LEU A 190 -3.57 -11.70 -3.57
CA LEU A 190 -2.43 -11.92 -2.68
C LEU A 190 -1.28 -10.96 -2.97
N ALA A 191 -1.51 -10.01 -3.87
CA ALA A 191 -0.46 -9.08 -4.29
C ALA A 191 0.04 -8.20 -3.15
N ASP A 192 -0.88 -7.50 -2.49
CA ASP A 192 -0.52 -6.62 -1.38
C ASP A 192 0.04 -7.41 -0.21
N THR A 193 -0.43 -8.63 -0.03
CA THR A 193 0.06 -9.50 1.04
C THR A 193 1.55 -9.78 0.86
N VAL A 194 1.98 -9.85 -0.40
CA VAL A 194 3.38 -10.11 -0.71
C VAL A 194 4.24 -8.85 -0.65
N PHE A 195 3.77 -7.79 -1.31
CA PHE A 195 4.60 -6.60 -1.50
C PHE A 195 4.31 -5.45 -0.54
N SER A 196 3.21 -5.53 0.20
CA SER A 196 2.81 -4.41 1.06
C SER A 196 2.77 -4.78 2.54
N THR A 197 2.15 -5.92 2.86
CA THR A 197 1.97 -6.31 4.25
C THR A 197 3.01 -7.33 4.72
N GLN A 198 3.58 -8.08 3.79
CA GLN A 198 4.55 -9.13 4.09
C GLN A 198 4.00 -10.12 5.10
N ASP A 199 2.70 -10.40 5.00
CA ASP A 199 2.01 -11.27 5.93
C ASP A 199 1.95 -12.70 5.41
N PHE A 200 3.07 -13.41 5.51
CA PHE A 200 3.19 -14.76 4.96
C PHE A 200 2.24 -15.74 5.63
N LEU A 201 1.91 -15.49 6.90
CA LEU A 201 0.97 -16.33 7.62
C LEU A 201 -0.41 -16.25 6.99
N THR A 202 -0.83 -15.03 6.65
CA THR A 202 -2.09 -14.81 5.96
C THR A 202 -2.05 -15.46 4.58
N LEU A 203 -0.90 -15.33 3.91
CA LEU A 203 -0.68 -15.95 2.62
C LEU A 203 -0.92 -17.46 2.70
N PHE A 204 -0.42 -18.08 3.76
CA PHE A 204 -0.58 -19.52 3.97
C PHE A 204 -2.03 -19.91 4.23
N TYR A 205 -2.70 -19.16 5.12
CA TYR A 205 -4.10 -19.41 5.45
C TYR A 205 -4.98 -19.37 4.22
N THR A 206 -4.69 -18.43 3.31
CA THR A 206 -5.46 -18.28 2.08
C THR A 206 -5.31 -19.51 1.19
N LEU A 207 -4.07 -19.88 0.91
CA LEU A 207 -3.78 -21.02 0.06
C LEU A 207 -4.32 -22.33 0.65
N ARG A 208 -4.26 -22.44 1.98
CA ARG A 208 -4.77 -23.64 2.64
C ARG A 208 -6.30 -23.74 2.49
N SER A 209 -6.98 -22.61 2.63
CA SER A 209 -8.42 -22.58 2.47
C SER A 209 -8.85 -23.01 1.07
N TYR A 210 -8.11 -22.55 0.07
CA TYR A 210 -8.37 -22.93 -1.31
C TYR A 210 -8.12 -24.42 -1.49
N ALA A 211 -7.05 -24.91 -0.89
CA ALA A 211 -6.70 -26.33 -0.95
C ALA A 211 -7.79 -27.19 -0.31
N ARG A 212 -8.31 -26.72 0.82
CA ARG A 212 -9.38 -27.41 1.51
C ARG A 212 -10.65 -27.46 0.65
N GLY A 213 -10.91 -26.38 -0.07
CA GLY A 213 -12.06 -26.31 -0.95
C GLY A 213 -11.91 -27.23 -2.14
N LEU A 214 -10.70 -27.29 -2.70
CA LEU A 214 -10.41 -28.19 -3.81
C LEU A 214 -10.45 -29.64 -3.36
N ARG A 215 -9.99 -29.89 -2.15
CA ARG A 215 -10.01 -31.23 -1.57
C ARG A 215 -11.44 -31.75 -1.45
N LEU A 216 -12.33 -30.89 -0.95
CA LEU A 216 -13.73 -31.25 -0.78
C LEU A 216 -14.39 -31.63 -2.10
N GLU A 217 -14.26 -30.75 -3.09
CA GLU A 217 -14.89 -30.94 -4.39
C GLU A 217 -14.39 -32.19 -5.09
N LEU A 218 -13.15 -32.56 -4.82
CA LEU A 218 -12.54 -33.74 -5.45
C LEU A 218 -13.11 -35.03 -4.87
N THR A 219 -13.23 -35.09 -3.54
CA THR A 219 -13.75 -36.28 -2.88
C THR A 219 -15.23 -36.49 -3.20
N THR A 220 -16.00 -35.40 -3.13
CA THR A 220 -17.44 -35.45 -3.41
C THR A 220 -17.72 -35.97 -4.82
N TYR A 221 -16.89 -35.54 -5.76
CA TYR A 221 -17.02 -35.97 -7.15
C TYR A 221 -16.65 -37.44 -7.30
N LEU A 222 -15.86 -37.94 -6.36
CA LEU A 222 -15.40 -39.32 -6.39
C LEU A 222 -16.20 -40.20 -5.43
N PHE A 223 -16.76 -39.58 -4.40
CA PHE A 223 -17.51 -40.29 -3.35
C PHE A 223 -16.68 -41.40 -2.72
N MET B 5 52.64 -40.07 44.94
CA MET B 5 52.23 -39.30 43.76
C MET B 5 50.75 -39.48 43.47
N GLN B 6 49.99 -39.86 44.49
CA GLN B 6 48.55 -40.07 44.33
C GLN B 6 47.78 -38.76 44.42
N TRP B 7 48.49 -37.67 44.73
CA TRP B 7 47.89 -36.35 44.81
C TRP B 7 48.35 -35.46 43.66
N ALA B 8 49.28 -35.98 42.87
CA ALA B 8 49.85 -35.21 41.76
C ALA B 8 48.91 -35.17 40.56
N VAL B 9 49.09 -34.16 39.71
CA VAL B 9 48.31 -34.02 38.48
C VAL B 9 49.22 -33.70 37.31
N GLY B 10 49.08 -34.45 36.22
CA GLY B 10 49.83 -34.19 35.01
C GLY B 10 49.54 -32.81 34.46
N ARG B 11 50.57 -32.17 33.91
CA ARG B 11 50.43 -30.80 33.41
C ARG B 11 49.61 -30.73 32.14
N ARG B 12 49.79 -31.72 31.25
CA ARG B 12 49.08 -31.73 29.98
C ARG B 12 47.59 -31.99 30.20
N TRP B 13 47.28 -32.91 31.11
CA TRP B 13 45.89 -33.20 31.44
C TRP B 13 45.22 -31.97 32.05
N ALA B 14 45.93 -31.32 32.96
CA ALA B 14 45.41 -30.14 33.65
C ALA B 14 45.13 -29.00 32.69
N TRP B 15 46.00 -28.85 31.69
CA TRP B 15 45.83 -27.81 30.67
C TRP B 15 44.57 -28.06 29.84
N ALA B 16 44.32 -29.32 29.51
CA ALA B 16 43.15 -29.69 28.73
C ALA B 16 41.88 -29.66 29.59
N ALA B 17 42.05 -29.93 30.88
CA ALA B 17 40.93 -29.89 31.81
C ALA B 17 40.41 -28.46 31.97
N LEU B 18 41.34 -27.52 32.07
CA LEU B 18 41.00 -26.11 32.21
C LEU B 18 40.35 -25.57 30.94
N LEU B 19 40.72 -26.14 29.79
CA LEU B 19 40.12 -25.76 28.52
C LEU B 19 38.68 -26.24 28.45
N LEU B 20 38.41 -27.39 29.04
CA LEU B 20 37.05 -27.90 29.14
C LEU B 20 36.28 -27.08 30.17
N ALA B 21 36.98 -26.62 31.19
CA ALA B 21 36.39 -25.79 32.23
C ALA B 21 35.89 -24.47 31.68
N VAL B 22 36.77 -23.74 31.00
CA VAL B 22 36.41 -22.44 30.42
C VAL B 22 35.34 -22.61 29.33
N ALA B 23 35.38 -23.75 28.64
CA ALA B 23 34.37 -24.03 27.62
C ALA B 23 33.01 -24.27 28.26
N ALA B 24 33.00 -25.04 29.34
CA ALA B 24 31.75 -25.33 30.06
C ALA B 24 31.21 -24.08 30.74
N VAL B 25 32.12 -23.28 31.30
CA VAL B 25 31.73 -22.04 31.97
C VAL B 25 31.18 -21.01 30.99
N LEU B 26 31.91 -20.78 29.90
CA LEU B 26 31.50 -19.80 28.90
C LEU B 26 30.15 -20.17 28.27
N THR B 27 30.00 -21.43 27.89
CA THR B 27 28.77 -21.89 27.25
C THR B 27 27.56 -21.82 28.19
N GLN B 28 27.83 -21.65 29.48
CA GLN B 28 26.76 -21.51 30.46
C GLN B 28 26.50 -20.05 30.81
N VAL B 29 27.55 -19.25 30.91
CA VAL B 29 27.40 -17.82 31.20
C VAL B 29 26.88 -17.06 29.99
N VAL B 30 27.03 -17.67 28.81
CA VAL B 30 26.46 -17.11 27.59
C VAL B 30 24.94 -17.21 27.65
N TRP B 31 24.46 -18.31 28.21
CA TRP B 31 23.02 -18.53 28.33
C TRP B 31 22.37 -17.52 29.28
N LEU B 32 23.09 -17.16 30.34
CA LEU B 32 22.56 -16.23 31.34
C LEU B 32 22.49 -14.79 30.83
N TRP B 33 23.03 -14.56 29.64
CA TRP B 33 22.91 -13.24 29.01
C TRP B 33 21.47 -12.97 28.64
N LEU B 34 20.74 -14.03 28.29
CA LEU B 34 19.32 -13.93 28.00
C LEU B 34 18.50 -13.86 29.29
N GLY B 35 19.07 -14.41 30.36
CA GLY B 35 18.44 -14.37 31.67
C GLY B 35 18.61 -13.02 32.31
N THR B 36 19.75 -12.39 32.07
CA THR B 36 20.01 -11.04 32.57
C THR B 36 19.63 -10.02 31.51
N GLN B 37 18.53 -10.28 30.80
CA GLN B 37 18.04 -9.39 29.76
C GLN B 37 17.46 -8.11 30.35
N SER B 38 18.17 -7.00 30.21
CA SER B 38 17.74 -5.75 30.80
C SER B 38 17.16 -4.80 29.76
N PHE B 39 15.88 -4.48 29.91
CA PHE B 39 15.23 -3.48 29.06
C PHE B 39 15.39 -2.11 29.70
N VAL B 40 15.70 -1.11 28.87
CA VAL B 40 15.90 0.25 29.35
C VAL B 40 14.63 0.82 29.98
N PHE B 41 13.49 0.60 29.32
CA PHE B 41 12.22 1.08 29.82
C PHE B 41 11.35 -0.08 30.31
N GLN B 42 10.55 0.16 31.34
CA GLN B 42 9.58 -0.83 31.78
C GLN B 42 8.47 -0.94 30.75
N ARG B 43 7.82 -2.09 30.69
CA ARG B 43 6.86 -2.40 29.63
C ARG B 43 5.67 -1.44 29.64
N GLU B 44 5.21 -1.06 30.82
CA GLU B 44 4.05 -0.18 30.94
C GLU B 44 4.45 1.21 31.42
N GLU B 45 5.75 1.49 31.46
CA GLU B 45 6.26 2.78 31.90
C GLU B 45 6.02 3.86 30.85
N ILE B 46 6.33 3.53 29.60
CA ILE B 46 6.12 4.45 28.49
C ILE B 46 4.65 4.84 28.40
N ALA B 47 3.77 3.85 28.55
CA ALA B 47 2.33 4.07 28.49
C ALA B 47 1.86 4.94 29.65
N GLN B 48 2.32 4.63 30.86
CA GLN B 48 1.92 5.37 32.05
C GLN B 48 2.47 6.80 32.02
N LEU B 49 3.59 6.98 31.33
CA LEU B 49 4.23 8.28 31.24
C LEU B 49 3.47 9.20 30.29
N ALA B 50 3.11 8.66 29.13
CA ALA B 50 2.43 9.46 28.10
C ALA B 50 0.96 9.68 28.41
N ARG B 51 0.40 8.81 29.25
CA ARG B 51 -0.99 8.95 29.67
C ARG B 51 -1.18 10.24 30.47
N GLN B 52 -0.08 10.77 30.99
CA GLN B 52 -0.09 12.00 31.79
C GLN B 52 -0.14 13.26 30.94
N TYR B 53 0.38 13.18 29.72
CA TYR B 53 0.46 14.35 28.86
C TYR B 53 -0.64 14.36 27.79
N ALA B 54 -1.55 13.40 27.86
CA ALA B 54 -2.60 13.25 26.86
C ALA B 54 -3.57 14.44 26.86
N GLY B 55 -3.62 15.16 27.96
CA GLY B 55 -4.53 16.29 28.09
C GLY B 55 -4.08 17.52 27.33
N LEU B 56 -2.78 17.59 27.04
CA LEU B 56 -2.22 18.72 26.30
C LEU B 56 -2.40 18.53 24.80
N ASP B 57 -2.13 19.59 24.04
CA ASP B 57 -2.03 19.46 22.59
C ASP B 57 -0.79 18.63 22.27
N HIS B 58 -0.80 17.92 21.14
CA HIS B 58 0.24 16.96 20.84
C HIS B 58 1.63 17.61 20.72
N GLU B 59 1.66 18.86 20.27
CA GLU B 59 2.92 19.58 20.12
C GLU B 59 3.64 19.77 21.46
N LEU B 60 2.91 20.29 22.44
CA LEU B 60 3.49 20.52 23.77
C LEU B 60 3.66 19.20 24.52
N ALA B 61 2.71 18.28 24.32
CA ALA B 61 2.75 16.98 24.97
C ALA B 61 4.01 16.21 24.61
N PHE B 62 4.40 16.29 23.34
CA PHE B 62 5.60 15.63 22.87
C PHE B 62 6.86 16.24 23.50
N SER B 63 6.94 17.56 23.46
CA SER B 63 8.11 18.27 23.99
C SER B 63 8.31 18.01 25.48
N ARG B 64 7.22 18.04 26.24
CA ARG B 64 7.29 17.84 27.68
C ARG B 64 7.56 16.38 28.03
N LEU B 65 7.18 15.46 27.13
CA LEU B 65 7.44 14.05 27.34
C LEU B 65 8.89 13.71 27.01
N ILE B 66 9.39 14.27 25.91
CA ILE B 66 10.78 14.07 25.52
C ILE B 66 11.73 14.57 26.61
N VAL B 67 11.42 15.73 27.18
CA VAL B 67 12.20 16.30 28.26
C VAL B 67 12.18 15.36 29.48
N GLU B 68 10.99 14.88 29.83
CA GLU B 68 10.84 14.00 30.98
C GLU B 68 11.49 12.64 30.73
N LEU B 69 11.47 12.19 29.48
CA LEU B 69 12.05 10.90 29.12
C LEU B 69 13.57 10.93 29.18
N ARG B 70 14.14 12.11 28.91
CA ARG B 70 15.60 12.28 28.95
C ARG B 70 16.12 12.30 30.37
N ARG B 71 15.42 13.01 31.25
CA ARG B 71 15.81 13.11 32.65
C ARG B 71 15.75 11.75 33.34
N LEU B 72 14.76 10.94 32.96
CA LEU B 72 14.60 9.62 33.55
C LEU B 72 15.64 8.64 33.01
N HIS B 73 15.91 8.72 31.70
CA HIS B 73 16.88 7.83 31.08
C HIS B 73 17.93 8.61 30.28
N PRO B 74 18.89 9.21 30.99
CA PRO B 74 19.95 9.99 30.34
C PRO B 74 20.82 9.14 29.43
N GLY B 75 21.14 9.65 28.25
CA GLY B 75 22.00 8.94 27.33
C GLY B 75 21.29 7.84 26.55
N HIS B 76 19.97 7.77 26.69
CA HIS B 76 19.18 6.76 25.99
C HIS B 76 18.18 7.40 25.04
N VAL B 77 18.15 8.72 25.00
CA VAL B 77 17.24 9.45 24.12
C VAL B 77 18.02 10.32 23.14
N LEU B 78 17.65 10.24 21.86
CA LEU B 78 18.29 11.04 20.82
C LEU B 78 18.21 12.53 21.12
N PRO B 79 19.30 13.27 20.87
CA PRO B 79 19.35 14.72 21.09
C PRO B 79 18.49 15.48 20.08
N ASP B 80 18.21 16.75 20.37
CA ASP B 80 17.41 17.59 19.48
C ASP B 80 18.05 17.72 18.10
N GLU B 81 19.36 17.50 18.04
CA GLU B 81 20.09 17.57 16.78
C GLU B 81 19.69 16.45 15.83
N GLU B 82 19.26 15.33 16.38
CA GLU B 82 18.96 14.14 15.59
C GLU B 82 17.49 13.72 15.68
N LEU B 83 16.65 14.59 16.21
CA LEU B 83 15.21 14.36 16.21
C LEU B 83 14.62 14.84 14.88
N GLN B 84 13.81 13.99 14.26
CA GLN B 84 13.29 14.29 12.93
C GLN B 84 11.98 13.56 12.65
N TRP B 85 11.01 14.29 12.10
CA TRP B 85 9.80 13.68 11.59
C TRP B 85 10.06 13.07 10.22
N VAL B 86 9.91 11.76 10.11
CA VAL B 86 10.00 11.10 8.81
C VAL B 86 8.70 10.35 8.52
N PHE B 87 8.32 10.32 7.25
CA PHE B 87 7.10 9.64 6.84
C PHE B 87 7.24 8.14 6.99
N VAL B 88 6.11 7.47 7.28
CA VAL B 88 6.08 6.02 7.34
C VAL B 88 4.97 5.49 6.44
N ASN B 89 5.35 4.71 5.44
CA ASN B 89 4.38 4.07 4.57
C ASN B 89 4.51 2.55 4.62
N ALA B 90 3.48 1.90 5.16
CA ALA B 90 3.50 0.45 5.34
C ALA B 90 2.10 -0.11 5.50
N GLY B 91 1.89 -1.32 5.01
CA GLY B 91 0.63 -2.02 5.17
C GLY B 91 -0.58 -1.31 4.60
N GLY B 92 -0.34 -0.37 3.70
CA GLY B 92 -1.42 0.37 3.07
C GLY B 92 -1.75 1.68 3.76
N TRP B 93 -1.18 1.91 4.94
CA TRP B 93 -1.43 3.16 5.65
C TRP B 93 -0.22 4.08 5.61
N MET B 94 -0.42 5.32 5.99
CA MET B 94 0.64 6.33 5.97
C MET B 94 0.61 7.22 7.21
N GLY B 95 1.78 7.42 7.80
CA GLY B 95 1.91 8.32 8.93
C GLY B 95 3.31 8.91 9.01
N ALA B 96 3.60 9.57 10.12
CA ALA B 96 4.93 10.12 10.34
C ALA B 96 5.44 9.68 11.71
N MET B 97 6.73 9.39 11.80
CA MET B 97 7.31 8.96 13.06
C MET B 97 8.45 9.88 13.49
N CYS B 98 8.74 9.88 14.78
CA CYS B 98 9.91 10.57 15.31
C CYS B 98 10.59 9.69 16.34
N LEU B 99 11.65 9.01 15.91
CA LEU B 99 12.36 8.05 16.75
C LEU B 99 13.03 8.73 17.93
N LEU B 100 12.75 8.24 19.13
CA LEU B 100 13.35 8.80 20.35
C LEU B 100 14.41 7.86 20.90
N HIS B 101 14.15 6.56 20.82
CA HIS B 101 15.10 5.54 21.25
C HIS B 101 15.08 4.37 20.29
N ALA B 102 16.25 3.76 20.07
CA ALA B 102 16.34 2.64 19.15
C ALA B 102 17.53 1.73 19.45
N SER B 103 17.23 0.48 19.77
CA SER B 103 18.25 -0.54 19.94
C SER B 103 17.91 -1.76 19.08
N LEU B 104 18.47 -2.91 19.43
CA LEU B 104 18.19 -4.14 18.70
C LEU B 104 17.04 -4.91 19.34
N SER B 105 16.57 -4.42 20.47
CA SER B 105 15.52 -5.11 21.22
C SER B 105 14.41 -4.14 21.66
N GLU B 106 14.69 -2.85 21.61
CA GLU B 106 13.73 -1.84 22.04
C GLU B 106 13.69 -0.65 21.08
N TYR B 107 12.54 0.02 21.03
CA TYR B 107 12.45 1.31 20.37
C TYR B 107 11.31 2.13 20.95
N VAL B 108 11.51 3.44 21.00
CA VAL B 108 10.48 4.38 21.41
C VAL B 108 10.37 5.49 20.38
N LEU B 109 9.16 5.73 19.89
CA LEU B 109 8.97 6.78 18.89
C LEU B 109 7.63 7.50 19.03
N LEU B 110 7.59 8.71 18.51
CA LEU B 110 6.34 9.47 18.40
C LEU B 110 5.76 9.24 17.02
N PHE B 111 4.51 8.81 16.97
CA PHE B 111 3.86 8.52 15.69
C PHE B 111 2.49 9.16 15.61
N GLY B 112 2.04 9.44 14.39
CA GLY B 112 0.71 9.96 14.15
C GLY B 112 0.47 10.39 12.73
N THR B 113 -0.75 10.84 12.47
CA THR B 113 -1.13 11.31 11.14
C THR B 113 -2.06 12.51 11.26
N ALA B 114 -1.88 13.49 10.37
CA ALA B 114 -2.71 14.69 10.39
C ALA B 114 -3.94 14.53 9.51
N LEU B 115 -3.96 13.47 8.71
CA LEU B 115 -5.07 13.21 7.80
C LEU B 115 -5.89 12.00 8.24
N GLY B 116 -5.23 11.01 8.82
CA GLY B 116 -5.87 9.76 9.14
C GLY B 116 -5.52 8.70 8.10
N SER B 117 -5.63 7.42 8.46
CA SER B 117 -5.24 6.36 7.55
C SER B 117 -5.78 4.99 7.98
N ARG B 118 -5.82 4.06 7.02
CA ARG B 118 -6.27 2.70 7.27
C ARG B 118 -5.32 1.69 6.65
N GLY B 119 -5.21 0.51 7.26
CA GLY B 119 -4.38 -0.54 6.71
C GLY B 119 -4.04 -1.70 7.63
N HIS B 120 -3.07 -2.50 7.19
CA HIS B 120 -2.61 -3.67 7.92
C HIS B 120 -1.61 -3.25 8.99
N SER B 121 -1.83 -3.72 10.22
CA SER B 121 -0.96 -3.37 11.34
C SER B 121 0.43 -3.98 11.17
N GLY B 122 0.47 -5.20 10.65
CA GLY B 122 1.72 -5.93 10.48
C GLY B 122 1.86 -7.03 11.52
N ARG B 123 2.51 -8.12 11.12
CA ARG B 123 2.84 -9.20 12.04
C ARG B 123 4.32 -9.13 12.43
N TYR B 124 4.58 -8.65 13.64
CA TYR B 124 5.96 -8.46 14.07
C TYR B 124 6.43 -9.58 14.99
N TRP B 125 7.74 -9.83 14.99
CA TRP B 125 8.36 -10.66 16.00
C TRP B 125 8.69 -9.78 17.21
N ALA B 126 7.68 -9.07 17.69
CA ALA B 126 7.85 -8.11 18.77
C ALA B 126 6.52 -7.76 19.42
N GLU B 127 6.57 -7.10 20.57
CA GLU B 127 5.36 -6.63 21.24
C GLU B 127 5.30 -5.11 21.16
N ILE B 128 4.25 -4.60 20.53
CA ILE B 128 4.12 -3.16 20.34
C ILE B 128 2.99 -2.57 21.19
N SER B 129 3.27 -1.46 21.86
CA SER B 129 2.26 -0.76 22.62
C SER B 129 2.15 0.69 22.14
N ASP B 130 0.91 1.14 21.94
CA ASP B 130 0.65 2.50 21.50
C ASP B 130 -0.25 3.23 22.49
N THR B 131 0.21 4.38 22.98
CA THR B 131 -0.59 5.18 23.89
C THR B 131 -1.01 6.48 23.20
N ILE B 132 -2.32 6.71 23.17
CA ILE B 132 -2.90 7.82 22.44
C ILE B 132 -2.84 9.14 23.21
N ILE B 133 -2.28 10.16 22.58
CA ILE B 133 -2.26 11.51 23.17
C ILE B 133 -3.46 12.30 22.63
N SER B 134 -3.71 12.17 21.34
CA SER B 134 -4.84 12.84 20.71
C SER B 134 -5.44 11.95 19.62
N GLY B 135 -6.70 12.21 19.29
CA GLY B 135 -7.36 11.52 18.19
C GLY B 135 -8.01 10.20 18.56
N THR B 136 -8.15 9.32 17.57
CA THR B 136 -8.81 8.03 17.73
C THR B 136 -8.01 6.89 17.07
N PHE B 137 -8.01 5.74 17.72
CA PHE B 137 -7.39 4.54 17.19
C PHE B 137 -8.46 3.46 17.04
N HIS B 138 -8.63 2.94 15.83
CA HIS B 138 -9.57 1.86 15.60
C HIS B 138 -8.84 0.55 15.32
N GLN B 139 -9.26 -0.51 15.99
CA GLN B 139 -8.62 -1.81 15.83
C GLN B 139 -9.63 -2.89 15.49
N TRP B 140 -9.36 -3.62 14.42
CA TRP B 140 -10.19 -4.75 14.02
C TRP B 140 -9.36 -6.03 14.07
N ARG B 141 -9.55 -6.81 15.12
CA ARG B 141 -8.73 -7.99 15.35
C ARG B 141 -9.06 -9.11 14.37
N GLU B 142 -8.06 -9.94 14.10
CA GLU B 142 -8.21 -11.07 13.19
C GLU B 142 -9.18 -12.11 13.76
N GLY B 143 -10.10 -12.59 12.93
CA GLY B 143 -11.04 -13.61 13.32
C GLY B 143 -12.37 -13.06 13.80
N THR B 144 -12.41 -11.76 14.06
CA THR B 144 -13.62 -11.11 14.53
C THR B 144 -14.27 -10.29 13.41
N THR B 145 -15.55 -9.98 13.58
CA THR B 145 -16.28 -9.16 12.61
C THR B 145 -16.71 -7.85 13.25
N LYS B 146 -15.94 -7.41 14.24
CA LYS B 146 -16.24 -6.18 14.98
C LYS B 146 -14.94 -5.44 15.27
N SER B 147 -15.04 -4.15 15.58
CA SER B 147 -13.86 -3.35 15.90
C SER B 147 -14.03 -2.62 17.22
N GLU B 148 -12.90 -2.28 17.85
CA GLU B 148 -12.92 -1.46 19.05
C GLU B 148 -12.21 -0.14 18.78
N VAL B 149 -12.62 0.92 19.48
CA VAL B 149 -12.03 2.23 19.30
C VAL B 149 -11.36 2.68 20.59
N PHE B 150 -10.15 3.24 20.47
CA PHE B 150 -9.40 3.70 21.62
C PHE B 150 -9.25 5.22 21.60
N TYR B 151 -9.31 5.83 22.77
CA TYR B 151 -9.32 7.29 22.90
C TYR B 151 -8.05 7.76 23.60
N PRO B 152 -7.79 9.09 23.61
CA PRO B 152 -6.59 9.59 24.30
C PRO B 152 -6.48 9.12 25.75
N GLY B 153 -5.27 8.72 26.13
CA GLY B 153 -5.02 8.23 27.47
C GLY B 153 -4.93 6.72 27.55
N GLU B 154 -5.63 6.05 26.62
CA GLU B 154 -5.68 4.60 26.60
C GLU B 154 -4.53 4.01 25.79
N THR B 155 -4.22 2.73 26.01
CA THR B 155 -3.09 2.10 25.36
C THR B 155 -3.48 0.84 24.57
N VAL B 156 -3.14 0.82 23.30
CA VAL B 156 -3.35 -0.35 22.45
C VAL B 156 -2.14 -1.27 22.51
N VAL B 157 -2.37 -2.53 22.88
CA VAL B 157 -1.29 -3.49 22.98
C VAL B 157 -1.34 -4.49 21.83
N HIS B 158 -0.24 -4.60 21.10
CA HIS B 158 -0.15 -5.50 19.95
C HIS B 158 0.84 -6.61 20.24
N GLY B 159 0.34 -7.80 20.57
CA GLY B 159 1.20 -8.93 20.87
C GLY B 159 1.90 -9.46 19.63
N PRO B 160 2.96 -10.27 19.84
CA PRO B 160 3.74 -10.85 18.74
C PRO B 160 2.94 -11.85 17.91
N GLY B 161 3.07 -11.78 16.59
CA GLY B 161 2.40 -12.72 15.71
C GLY B 161 0.96 -12.36 15.41
N GLU B 162 0.45 -11.33 16.10
CA GLU B 162 -0.93 -10.91 15.89
C GLU B 162 -1.07 -9.96 14.71
N ALA B 163 -2.20 -10.05 14.01
CA ALA B 163 -2.47 -9.18 12.88
C ALA B 163 -3.85 -8.53 13.04
N THR B 164 -3.89 -7.21 12.91
CA THR B 164 -5.15 -6.49 12.97
C THR B 164 -5.26 -5.47 11.84
N ALA B 165 -6.49 -5.09 11.51
CA ALA B 165 -6.72 -3.95 10.65
C ALA B 165 -6.79 -2.71 11.52
N VAL B 166 -6.06 -1.66 11.16
CA VAL B 166 -6.02 -0.46 11.96
C VAL B 166 -6.58 0.74 11.21
N GLU B 167 -7.16 1.67 11.97
CA GLU B 167 -7.60 2.94 11.41
C GLU B 167 -7.34 4.09 12.38
N TRP B 168 -6.63 5.11 11.90
CA TRP B 168 -6.42 6.33 12.66
C TRP B 168 -7.31 7.42 12.10
N GLY B 169 -8.00 8.14 12.98
CA GLY B 169 -8.81 9.27 12.56
C GLY B 169 -7.93 10.43 12.18
N PRO B 170 -8.55 11.56 11.81
CA PRO B 170 -7.77 12.77 11.54
C PRO B 170 -7.11 13.29 12.83
N ASN B 171 -5.87 13.75 12.73
CA ASN B 171 -5.11 14.29 13.85
C ASN B 171 -5.04 13.37 15.07
N THR B 172 -4.60 12.13 14.86
CA THR B 172 -4.29 11.24 15.98
C THR B 172 -2.78 11.07 16.17
N TRP B 173 -2.31 11.23 17.40
CA TRP B 173 -0.90 11.12 17.70
C TRP B 173 -0.69 10.21 18.90
N MET B 174 0.47 9.54 18.96
CA MET B 174 0.70 8.52 19.96
C MET B 174 2.18 8.29 20.22
N VAL B 175 2.51 7.81 21.41
CA VAL B 175 3.85 7.31 21.67
C VAL B 175 3.81 5.80 21.50
N GLU B 176 4.89 5.25 20.96
CA GLU B 176 4.91 3.83 20.65
C GLU B 176 6.13 3.17 21.26
N TYR B 177 5.93 2.01 21.87
CA TYR B 177 7.03 1.25 22.46
C TYR B 177 7.02 -0.17 21.90
N GLY B 178 8.19 -0.66 21.52
CA GLY B 178 8.30 -1.99 20.95
C GLY B 178 9.42 -2.81 21.55
N ARG B 179 9.14 -4.09 21.80
CA ARG B 179 10.11 -5.02 22.35
C ARG B 179 10.22 -6.30 21.53
N GLY B 180 11.42 -6.60 21.03
CA GLY B 180 11.64 -7.82 20.30
C GLY B 180 12.70 -7.69 19.21
N VAL B 181 12.55 -8.48 18.15
CA VAL B 181 13.48 -8.41 17.03
C VAL B 181 13.18 -7.17 16.20
N ILE B 182 13.69 -6.03 16.66
CA ILE B 182 13.44 -4.74 16.02
C ILE B 182 13.86 -4.64 14.54
N PRO B 183 15.03 -5.19 14.17
CA PRO B 183 15.40 -5.08 12.74
C PRO B 183 14.39 -5.76 11.80
N SER B 184 13.78 -6.85 12.24
CA SER B 184 12.81 -7.56 11.41
C SER B 184 11.54 -6.74 11.22
N THR B 185 11.18 -5.97 12.25
CA THR B 185 9.99 -5.13 12.18
C THR B 185 10.22 -3.97 11.21
N LEU B 186 11.48 -3.60 11.03
CA LEU B 186 11.83 -2.52 10.12
C LEU B 186 11.58 -2.91 8.66
N ALA B 187 11.62 -4.21 8.39
CA ALA B 187 11.37 -4.74 7.06
C ALA B 187 9.94 -4.44 6.61
N PHE B 188 9.01 -4.46 7.56
CA PHE B 188 7.61 -4.18 7.28
C PHE B 188 7.36 -2.69 7.09
N ALA B 189 8.01 -1.88 7.92
CA ALA B 189 7.80 -0.44 7.92
C ALA B 189 8.35 0.24 6.66
N LEU B 190 9.07 -0.52 5.85
CA LEU B 190 9.68 0.03 4.64
C LEU B 190 9.16 -0.63 3.37
N ALA B 191 8.21 -1.55 3.53
CA ALA B 191 7.66 -2.29 2.39
C ALA B 191 7.00 -1.39 1.36
N ASP B 192 5.98 -0.64 1.78
CA ASP B 192 5.29 0.27 0.88
C ASP B 192 6.20 1.39 0.38
N THR B 193 7.18 1.74 1.20
CA THR B 193 8.14 2.77 0.82
C THR B 193 8.92 2.36 -0.43
N VAL B 194 9.15 1.06 -0.56
CA VAL B 194 9.91 0.54 -1.68
C VAL B 194 9.04 0.22 -2.89
N PHE B 195 7.90 -0.44 -2.67
CA PHE B 195 7.08 -0.96 -3.76
C PHE B 195 5.86 -0.12 -4.09
N SER B 196 5.62 0.95 -3.34
CA SER B 196 4.43 1.76 -3.56
C SER B 196 4.73 3.24 -3.73
N THR B 197 5.59 3.78 -2.87
CA THR B 197 5.87 5.21 -2.89
C THR B 197 7.18 5.53 -3.60
N GLN B 198 8.09 4.56 -3.61
CA GLN B 198 9.43 4.72 -4.20
C GLN B 198 10.18 5.89 -3.58
N ASP B 199 9.82 6.24 -2.35
CA ASP B 199 10.44 7.37 -1.66
C ASP B 199 11.73 6.94 -1.00
N PHE B 200 12.81 6.95 -1.77
CA PHE B 200 14.10 6.44 -1.31
C PHE B 200 14.77 7.41 -0.34
N LEU B 201 14.41 8.69 -0.42
CA LEU B 201 14.92 9.68 0.51
C LEU B 201 14.37 9.40 1.91
N THR B 202 13.10 9.00 1.97
CA THR B 202 12.48 8.60 3.22
C THR B 202 13.15 7.33 3.74
N LEU B 203 13.44 6.41 2.83
CA LEU B 203 14.15 5.17 3.18
C LEU B 203 15.47 5.47 3.86
N PHE B 204 16.18 6.46 3.33
CA PHE B 204 17.46 6.90 3.90
C PHE B 204 17.28 7.50 5.29
N TYR B 205 16.29 8.39 5.42
CA TYR B 205 16.00 9.06 6.68
C TYR B 205 15.70 8.07 7.80
N THR B 206 14.89 7.06 7.51
CA THR B 206 14.50 6.08 8.51
C THR B 206 15.70 5.25 8.96
N LEU B 207 16.49 4.77 8.00
CA LEU B 207 17.68 3.99 8.31
C LEU B 207 18.70 4.83 9.05
N ARG B 208 18.76 6.12 8.73
CA ARG B 208 19.70 7.03 9.39
C ARG B 208 19.30 7.23 10.85
N SER B 209 17.99 7.36 11.09
CA SER B 209 17.48 7.52 12.45
C SER B 209 17.78 6.27 13.28
N TYR B 210 17.73 5.11 12.65
CA TYR B 210 18.04 3.86 13.33
C TYR B 210 19.54 3.82 13.66
N ALA B 211 20.35 4.21 12.69
CA ALA B 211 21.81 4.22 12.88
C ALA B 211 22.20 5.21 13.97
N ARG B 212 21.50 6.34 14.02
CA ARG B 212 21.72 7.34 15.06
C ARG B 212 21.30 6.79 16.42
N GLY B 213 20.20 6.04 16.44
CA GLY B 213 19.73 5.41 17.66
C GLY B 213 20.70 4.35 18.14
N LEU B 214 21.21 3.56 17.20
CA LEU B 214 22.17 2.51 17.52
C LEU B 214 23.50 3.08 17.97
N ARG B 215 23.95 4.14 17.30
CA ARG B 215 25.20 4.81 17.66
C ARG B 215 25.14 5.32 19.10
N LEU B 216 23.99 5.85 19.49
CA LEU B 216 23.79 6.35 20.84
C LEU B 216 23.84 5.24 21.88
N GLU B 217 23.23 4.10 21.56
CA GLU B 217 23.14 2.99 22.50
C GLU B 217 24.48 2.28 22.71
N LEU B 218 25.46 2.57 21.85
CA LEU B 218 26.77 1.95 21.99
C LEU B 218 27.76 2.91 22.63
N THR B 219 27.61 4.21 22.34
CA THR B 219 28.46 5.22 22.96
C THR B 219 28.08 5.43 24.42
N THR B 220 26.83 5.09 24.75
CA THR B 220 26.37 5.14 26.13
C THR B 220 26.88 3.92 26.89
N TYR B 221 26.86 2.78 26.22
CA TYR B 221 27.35 1.52 26.80
C TYR B 221 28.86 1.57 27.01
N LEU B 222 29.53 2.40 26.21
CA LEU B 222 31.00 2.51 26.27
C LEU B 222 31.44 3.68 27.13
N PHE B 223 30.48 4.50 27.56
CA PHE B 223 30.78 5.67 28.38
C PHE B 223 29.52 6.18 29.08
N GLN C 6 56.56 16.48 -31.85
CA GLN C 6 55.73 15.30 -31.65
C GLN C 6 56.29 14.41 -30.56
N TRP C 7 55.45 14.05 -29.59
CA TRP C 7 55.83 13.14 -28.53
C TRP C 7 54.66 12.25 -28.10
N ALA C 8 54.96 11.24 -27.30
CA ALA C 8 53.96 10.27 -26.87
C ALA C 8 53.30 10.67 -25.55
N VAL C 9 52.07 10.19 -25.35
CA VAL C 9 51.35 10.44 -24.11
C VAL C 9 51.12 9.11 -23.39
N GLY C 10 51.22 9.14 -22.05
CA GLY C 10 51.10 7.94 -21.25
C GLY C 10 49.75 7.25 -21.34
N ARG C 11 49.74 5.96 -21.02
CA ARG C 11 48.51 5.18 -21.02
C ARG C 11 47.56 5.65 -19.93
N ARG C 12 48.14 6.26 -18.89
CA ARG C 12 47.34 6.85 -17.83
C ARG C 12 47.23 8.36 -18.01
N TRP C 13 48.16 8.91 -18.79
CA TRP C 13 48.20 10.34 -19.04
C TRP C 13 47.10 10.78 -19.99
N ALA C 14 47.04 10.15 -21.16
CA ALA C 14 46.01 10.45 -22.16
C ALA C 14 44.65 9.99 -21.66
N TRP C 15 44.65 8.96 -20.81
CA TRP C 15 43.42 8.44 -20.22
C TRP C 15 42.74 9.48 -19.35
N ALA C 16 43.53 10.20 -18.55
CA ALA C 16 43.00 11.24 -17.68
C ALA C 16 42.66 12.49 -18.49
N ALA C 17 43.49 12.80 -19.49
CA ALA C 17 43.28 13.96 -20.34
C ALA C 17 41.97 13.85 -21.11
N LEU C 18 41.72 12.68 -21.67
CA LEU C 18 40.47 12.42 -22.39
C LEU C 18 39.29 12.47 -21.44
N LEU C 19 39.52 12.04 -20.20
CA LEU C 19 38.49 12.08 -19.16
C LEU C 19 38.14 13.53 -18.82
N LEU C 20 39.08 14.43 -19.07
CA LEU C 20 38.85 15.86 -18.90
C LEU C 20 38.26 16.44 -20.17
N ALA C 21 38.64 15.86 -21.30
CA ALA C 21 38.12 16.30 -22.60
C ALA C 21 36.62 16.03 -22.69
N VAL C 22 36.21 14.83 -22.29
CA VAL C 22 34.80 14.48 -22.27
C VAL C 22 34.08 15.24 -21.16
N ALA C 23 34.84 15.66 -20.15
CA ALA C 23 34.29 16.46 -19.07
C ALA C 23 34.03 17.89 -19.56
N ALA C 24 34.93 18.39 -20.40
CA ALA C 24 34.79 19.72 -20.97
C ALA C 24 33.64 19.76 -21.97
N VAL C 25 33.54 18.72 -22.79
CA VAL C 25 32.49 18.64 -23.80
C VAL C 25 31.10 18.52 -23.18
N LEU C 26 30.90 17.48 -22.38
CA LEU C 26 29.59 17.19 -21.80
C LEU C 26 29.04 18.33 -20.97
N THR C 27 29.88 18.94 -20.13
CA THR C 27 29.44 20.03 -19.27
C THR C 27 28.99 21.25 -20.07
N GLN C 28 29.69 21.53 -21.16
CA GLN C 28 29.35 22.68 -22.00
C GLN C 28 28.26 22.31 -23.01
N VAL C 29 28.07 21.00 -23.21
CA VAL C 29 27.00 20.51 -24.06
C VAL C 29 25.69 20.50 -23.29
N VAL C 30 25.75 20.09 -22.02
CA VAL C 30 24.59 20.13 -21.15
C VAL C 30 24.13 21.57 -20.93
N TRP C 31 25.08 22.45 -20.68
CA TRP C 31 24.78 23.86 -20.46
C TRP C 31 24.19 24.49 -21.72
N LEU C 32 24.63 24.00 -22.87
CA LEU C 32 24.08 24.43 -24.15
C LEU C 32 22.66 23.92 -24.26
N TRP C 33 22.42 22.71 -23.78
CA TRP C 33 21.10 22.09 -23.81
C TRP C 33 20.12 22.83 -22.90
N LEU C 34 20.60 23.22 -21.72
CA LEU C 34 19.79 23.99 -20.78
C LEU C 34 19.40 25.35 -21.34
N GLY C 35 20.29 25.92 -22.15
CA GLY C 35 20.07 27.24 -22.72
C GLY C 35 19.05 27.25 -23.84
N THR C 36 18.93 26.13 -24.55
CA THR C 36 18.00 26.03 -25.68
C THR C 36 16.67 25.45 -25.23
N GLN C 37 16.56 25.15 -23.95
CA GLN C 37 15.34 24.57 -23.39
C GLN C 37 14.16 25.51 -23.54
N SER C 38 13.06 25.01 -24.09
CA SER C 38 11.86 25.80 -24.29
C SER C 38 10.64 25.05 -23.77
N PHE C 39 9.71 25.78 -23.16
CA PHE C 39 8.51 25.18 -22.61
C PHE C 39 7.27 25.71 -23.33
N VAL C 40 6.38 24.79 -23.71
CA VAL C 40 5.14 25.14 -24.38
C VAL C 40 4.26 25.99 -23.48
N PHE C 41 4.20 25.62 -22.20
CA PHE C 41 3.37 26.34 -21.24
C PHE C 41 4.24 27.08 -20.23
N GLN C 42 3.79 28.27 -19.85
CA GLN C 42 4.49 29.05 -18.83
C GLN C 42 4.25 28.43 -17.46
N ARG C 43 5.08 28.80 -16.49
CA ARG C 43 5.08 28.20 -15.16
C ARG C 43 3.71 28.25 -14.49
N GLU C 44 2.98 29.33 -14.71
CA GLU C 44 1.69 29.53 -14.05
C GLU C 44 0.55 29.70 -15.04
N GLU C 45 0.77 29.27 -16.28
CA GLU C 45 -0.21 29.45 -17.35
C GLU C 45 -1.41 28.53 -17.21
N ILE C 46 -1.13 27.24 -17.03
CA ILE C 46 -2.19 26.25 -16.86
C ILE C 46 -3.06 26.60 -15.65
N ALA C 47 -2.41 26.95 -14.55
CA ALA C 47 -3.10 27.33 -13.33
C ALA C 47 -4.08 28.48 -13.56
N GLN C 48 -3.58 29.57 -14.13
CA GLN C 48 -4.38 30.75 -14.43
C GLN C 48 -5.58 30.41 -15.32
N LEU C 49 -5.38 29.47 -16.23
CA LEU C 49 -6.42 29.10 -17.18
C LEU C 49 -7.45 28.17 -16.56
N ALA C 50 -6.97 27.21 -15.78
CA ALA C 50 -7.86 26.24 -15.12
C ALA C 50 -8.77 26.89 -14.09
N ARG C 51 -8.26 27.90 -13.39
CA ARG C 51 -9.03 28.59 -12.36
C ARG C 51 -10.26 29.28 -12.96
N GLN C 52 -10.18 29.66 -14.22
CA GLN C 52 -11.29 30.32 -14.90
C GLN C 52 -12.48 29.39 -15.06
N TYR C 53 -12.23 28.09 -15.05
CA TYR C 53 -13.29 27.10 -15.25
C TYR C 53 -13.64 26.37 -13.94
N ALA C 54 -12.97 26.76 -12.86
CA ALA C 54 -13.29 26.19 -11.55
C ALA C 54 -14.68 26.64 -11.13
N GLY C 55 -15.39 25.78 -10.41
CA GLY C 55 -16.72 26.11 -9.92
C GLY C 55 -17.83 25.59 -10.79
N LEU C 56 -17.52 25.34 -12.06
CA LEU C 56 -18.49 24.74 -12.98
C LEU C 56 -18.53 23.23 -12.78
N ASP C 57 -19.54 22.59 -13.35
CA ASP C 57 -19.58 21.13 -13.40
C ASP C 57 -18.32 20.63 -14.10
N HIS C 58 -17.63 19.68 -13.48
CA HIS C 58 -16.30 19.28 -13.92
C HIS C 58 -16.28 18.80 -15.37
N GLU C 59 -17.38 18.17 -15.80
CA GLU C 59 -17.52 17.77 -17.20
C GLU C 59 -17.47 18.99 -18.11
N LEU C 60 -18.23 20.03 -17.76
CA LEU C 60 -18.27 21.26 -18.53
C LEU C 60 -16.94 22.00 -18.47
N ALA C 61 -16.32 22.01 -17.29
CA ALA C 61 -15.05 22.70 -17.10
C ALA C 61 -13.95 22.06 -17.94
N PHE C 62 -13.91 20.73 -17.96
CA PHE C 62 -12.92 20.00 -18.72
C PHE C 62 -13.06 20.24 -20.23
N SER C 63 -14.29 20.21 -20.72
CA SER C 63 -14.55 20.39 -22.14
C SER C 63 -14.14 21.78 -22.64
N ARG C 64 -14.48 22.80 -21.87
CA ARG C 64 -14.15 24.17 -22.25
C ARG C 64 -12.65 24.43 -22.15
N LEU C 65 -12.00 23.80 -21.18
CA LEU C 65 -10.57 23.96 -20.99
C LEU C 65 -9.79 23.37 -22.16
N ILE C 66 -10.17 22.16 -22.57
CA ILE C 66 -9.51 21.48 -23.68
C ILE C 66 -9.60 22.28 -24.96
N VAL C 67 -10.78 22.84 -25.22
CA VAL C 67 -10.99 23.69 -26.40
C VAL C 67 -10.11 24.94 -26.32
N GLU C 68 -10.00 25.51 -25.12
CA GLU C 68 -9.20 26.71 -24.91
C GLU C 68 -7.71 26.41 -25.10
N LEU C 69 -7.24 25.29 -24.55
CA LEU C 69 -5.84 24.92 -24.67
C LEU C 69 -5.46 24.65 -26.12
N ARG C 70 -6.34 23.99 -26.86
CA ARG C 70 -6.10 23.70 -28.26
C ARG C 70 -5.96 24.97 -29.08
N ARG C 71 -6.79 25.96 -28.76
CA ARG C 71 -6.77 27.24 -29.46
C ARG C 71 -5.51 28.02 -29.11
N LEU C 72 -5.09 27.94 -27.84
CA LEU C 72 -3.89 28.65 -27.40
C LEU C 72 -2.62 27.95 -27.86
N HIS C 73 -2.65 26.63 -27.90
CA HIS C 73 -1.47 25.87 -28.27
C HIS C 73 -1.78 24.73 -29.25
N PRO C 74 -2.06 25.07 -30.51
CA PRO C 74 -2.34 24.06 -31.52
C PRO C 74 -1.11 23.19 -31.81
N GLY C 75 -1.30 21.89 -31.90
CA GLY C 75 -0.21 20.97 -32.15
C GLY C 75 0.40 20.40 -30.89
N HIS C 76 -0.11 20.82 -29.74
CA HIS C 76 0.44 20.38 -28.46
C HIS C 76 -0.61 19.74 -27.56
N VAL C 77 -1.83 19.62 -28.07
CA VAL C 77 -2.91 18.96 -27.33
C VAL C 77 -3.41 17.74 -28.10
N LEU C 78 -3.56 16.63 -27.39
CA LEU C 78 -4.02 15.39 -28.00
C LEU C 78 -5.44 15.49 -28.54
N PRO C 79 -5.68 14.93 -29.73
CA PRO C 79 -7.00 14.91 -30.38
C PRO C 79 -8.03 14.15 -29.55
N ASP C 80 -9.32 14.37 -29.83
CA ASP C 80 -10.41 13.75 -29.09
C ASP C 80 -10.34 12.23 -29.12
N GLU C 81 -9.94 11.68 -30.26
CA GLU C 81 -9.88 10.22 -30.42
C GLU C 81 -8.70 9.61 -29.66
N GLU C 82 -7.89 10.44 -29.03
CA GLU C 82 -6.76 9.96 -28.25
C GLU C 82 -6.88 10.34 -26.78
N LEU C 83 -7.98 11.00 -26.42
CA LEU C 83 -8.27 11.31 -25.02
C LEU C 83 -8.95 10.11 -24.37
N GLN C 84 -8.48 9.74 -23.17
CA GLN C 84 -9.00 8.55 -22.51
C GLN C 84 -8.78 8.58 -21.01
N TRP C 85 -9.86 8.37 -20.26
CA TRP C 85 -9.75 8.25 -18.81
C TRP C 85 -9.13 6.90 -18.45
N VAL C 86 -8.00 6.95 -17.77
CA VAL C 86 -7.33 5.74 -17.33
C VAL C 86 -7.01 5.83 -15.84
N PHE C 87 -7.36 4.78 -15.09
CA PHE C 87 -7.12 4.73 -13.65
C PHE C 87 -5.64 4.90 -13.30
N VAL C 88 -5.38 5.59 -12.21
CA VAL C 88 -4.01 5.74 -11.72
C VAL C 88 -3.91 5.25 -10.28
N ASN C 89 -3.03 4.28 -10.06
CA ASN C 89 -2.77 3.77 -8.72
C ASN C 89 -1.31 3.95 -8.34
N ALA C 90 -1.07 4.80 -7.34
CA ALA C 90 0.29 5.07 -6.87
C ALA C 90 0.25 5.59 -5.45
N GLY C 91 1.30 5.26 -4.69
CA GLY C 91 1.47 5.79 -3.34
C GLY C 91 0.35 5.48 -2.37
N GLY C 92 -0.44 4.46 -2.68
CA GLY C 92 -1.55 4.06 -1.83
C GLY C 92 -2.89 4.66 -2.21
N TRP C 93 -2.87 5.71 -3.03
CA TRP C 93 -4.12 6.31 -3.47
C TRP C 93 -4.56 5.82 -4.84
N MET C 94 -5.76 6.20 -5.24
CA MET C 94 -6.30 5.82 -6.55
C MET C 94 -7.15 6.94 -7.14
N GLY C 95 -6.95 7.19 -8.43
CA GLY C 95 -7.75 8.17 -9.14
C GLY C 95 -7.75 7.87 -10.63
N ALA C 96 -8.25 8.80 -11.42
CA ALA C 96 -8.27 8.65 -12.87
C ALA C 96 -7.64 9.87 -13.53
N MET C 97 -6.91 9.63 -14.62
CA MET C 97 -6.28 10.72 -15.34
C MET C 97 -6.67 10.73 -16.82
N CYS C 98 -6.65 11.92 -17.42
CA CYS C 98 -6.76 12.06 -18.86
C CYS C 98 -5.62 12.93 -19.36
N LEU C 99 -4.69 12.32 -20.09
CA LEU C 99 -3.51 13.01 -20.56
C LEU C 99 -3.84 13.94 -21.73
N LEU C 100 -3.55 15.23 -21.57
CA LEU C 100 -3.82 16.22 -22.60
C LEU C 100 -2.55 16.56 -23.37
N HIS C 101 -1.44 16.64 -22.64
CA HIS C 101 -0.15 16.96 -23.21
C HIS C 101 0.94 16.20 -22.46
N ALA C 102 1.94 15.72 -23.19
CA ALA C 102 3.05 15.02 -22.56
C ALA C 102 4.29 15.00 -23.45
N SER C 103 5.41 15.42 -22.88
CA SER C 103 6.71 15.29 -23.53
C SER C 103 7.69 14.69 -22.54
N LEU C 104 8.98 14.97 -22.75
CA LEU C 104 10.01 14.49 -21.83
C LEU C 104 10.23 15.50 -20.71
N SER C 105 9.72 16.71 -20.88
CA SER C 105 9.98 17.80 -19.95
C SER C 105 8.70 18.39 -19.34
N GLU C 106 7.58 18.24 -20.04
CA GLU C 106 6.31 18.77 -19.59
C GLU C 106 5.19 17.74 -19.68
N TYR C 107 4.14 17.95 -18.91
CA TYR C 107 2.88 17.25 -19.13
C TYR C 107 1.70 18.05 -18.59
N VAL C 108 0.55 17.91 -19.25
CA VAL C 108 -0.71 18.44 -18.74
C VAL C 108 -1.70 17.29 -18.69
N LEU C 109 -2.42 17.16 -17.58
CA LEU C 109 -3.43 16.12 -17.46
C LEU C 109 -4.60 16.56 -16.60
N LEU C 110 -5.76 15.98 -16.87
CA LEU C 110 -6.92 16.12 -16.00
C LEU C 110 -6.88 14.98 -15.01
N PHE C 111 -7.15 15.26 -13.74
CA PHE C 111 -7.12 14.22 -12.72
C PHE C 111 -8.22 14.39 -11.70
N GLY C 112 -8.64 13.27 -11.13
CA GLY C 112 -9.59 13.31 -10.03
C GLY C 112 -10.07 11.94 -9.58
N THR C 113 -11.00 11.94 -8.64
CA THR C 113 -11.59 10.71 -8.14
C THR C 113 -13.03 10.95 -7.71
N ALA C 114 -13.89 9.98 -8.01
CA ALA C 114 -15.29 10.08 -7.63
C ALA C 114 -15.52 9.62 -6.20
N LEU C 115 -14.60 8.82 -5.67
CA LEU C 115 -14.75 8.22 -4.35
C LEU C 115 -13.96 8.95 -3.27
N GLY C 116 -12.87 9.60 -3.67
CA GLY C 116 -11.92 10.16 -2.72
C GLY C 116 -10.81 9.16 -2.46
N SER C 117 -9.68 9.64 -1.97
CA SER C 117 -8.52 8.78 -1.75
C SER C 117 -7.46 9.44 -0.87
N ARG C 118 -6.56 8.62 -0.33
CA ARG C 118 -5.48 9.10 0.53
C ARG C 118 -4.17 8.38 0.26
N GLY C 119 -3.06 9.08 0.40
CA GLY C 119 -1.76 8.46 0.24
C GLY C 119 -0.57 9.39 0.12
N HIS C 120 0.54 8.83 -0.37
CA HIS C 120 1.80 9.53 -0.54
C HIS C 120 1.80 10.30 -1.87
N SER C 121 2.16 11.57 -1.83
CA SER C 121 2.10 12.42 -3.02
C SER C 121 3.12 12.02 -4.07
N GLY C 122 4.23 11.43 -3.63
CA GLY C 122 5.32 11.10 -4.51
C GLY C 122 6.41 12.15 -4.40
N ARG C 123 7.66 11.72 -4.44
CA ARG C 123 8.80 12.64 -4.40
C ARG C 123 9.43 12.68 -5.79
N TYR C 124 9.17 13.75 -6.52
CA TYR C 124 9.51 13.81 -7.94
C TYR C 124 10.75 14.65 -8.24
N TRP C 125 11.37 14.37 -9.37
CA TRP C 125 12.37 15.25 -9.95
C TRP C 125 11.67 16.21 -10.92
N ALA C 126 10.67 16.92 -10.40
CA ALA C 126 9.86 17.83 -11.21
C ALA C 126 9.07 18.78 -10.33
N GLU C 127 8.56 19.85 -10.93
CA GLU C 127 7.68 20.78 -10.24
C GLU C 127 6.26 20.58 -10.74
N ILE C 128 5.36 20.25 -9.82
CA ILE C 128 3.99 19.91 -10.18
C ILE C 128 2.99 20.83 -9.50
N SER C 129 2.08 21.39 -10.31
CA SER C 129 1.02 22.23 -9.78
C SER C 129 -0.34 21.61 -10.07
N ASP C 130 -1.25 21.69 -9.10
CA ASP C 130 -2.60 21.16 -9.25
C ASP C 130 -3.64 22.24 -8.98
N THR C 131 -4.44 22.57 -10.00
CA THR C 131 -5.50 23.54 -9.84
C THR C 131 -6.83 22.81 -9.70
N ILE C 132 -7.53 23.08 -8.61
CA ILE C 132 -8.75 22.35 -8.27
C ILE C 132 -9.97 22.91 -8.97
N ILE C 133 -10.67 22.04 -9.71
CA ILE C 133 -11.89 22.41 -10.39
C ILE C 133 -13.09 22.21 -9.47
N SER C 134 -13.10 21.08 -8.77
CA SER C 134 -14.15 20.77 -7.81
C SER C 134 -13.61 19.89 -6.69
N GLY C 135 -14.38 19.76 -5.61
CA GLY C 135 -14.01 18.88 -4.51
C GLY C 135 -13.04 19.50 -3.52
N THR C 136 -12.24 18.68 -2.87
CA THR C 136 -11.30 19.15 -1.86
C THR C 136 -9.95 18.45 -1.96
N PHE C 137 -8.91 19.19 -1.60
CA PHE C 137 -7.54 18.68 -1.61
C PHE C 137 -6.93 18.95 -0.23
N HIS C 138 -6.66 17.89 0.52
CA HIS C 138 -5.97 18.03 1.81
C HIS C 138 -4.49 17.74 1.63
N GLN C 139 -3.65 18.60 2.20
CA GLN C 139 -2.21 18.41 2.11
C GLN C 139 -1.59 18.38 3.51
N TRP C 140 -0.65 17.45 3.71
CA TRP C 140 0.09 17.35 4.96
C TRP C 140 1.58 17.35 4.66
N ARG C 141 2.23 18.48 4.91
CA ARG C 141 3.62 18.68 4.52
C ARG C 141 4.61 17.98 5.45
N GLU C 142 5.69 17.47 4.87
CA GLU C 142 6.73 16.76 5.61
C GLU C 142 7.35 17.61 6.71
N GLY C 143 7.36 17.08 7.92
CA GLY C 143 7.96 17.78 9.06
C GLY C 143 6.95 18.52 9.91
N THR C 144 5.73 18.66 9.40
CA THR C 144 4.69 19.38 10.11
C THR C 144 3.71 18.42 10.79
N THR C 145 2.87 18.95 11.66
CA THR C 145 1.85 18.15 12.32
C THR C 145 0.47 18.72 12.03
N LYS C 146 0.40 19.65 11.08
CA LYS C 146 -0.87 20.24 10.68
C LYS C 146 -1.12 19.98 9.20
N SER C 147 -2.39 20.08 8.79
CA SER C 147 -2.75 19.91 7.39
C SER C 147 -3.52 21.11 6.86
N GLU C 148 -3.34 21.42 5.59
CA GLU C 148 -4.07 22.50 4.95
C GLU C 148 -5.07 21.94 3.95
N VAL C 149 -6.23 22.58 3.86
CA VAL C 149 -7.24 22.18 2.90
C VAL C 149 -7.30 23.18 1.74
N PHE C 150 -7.43 22.66 0.52
CA PHE C 150 -7.55 23.50 -0.66
C PHE C 150 -8.88 23.27 -1.35
N TYR C 151 -9.58 24.37 -1.65
CA TYR C 151 -10.90 24.31 -2.28
C TYR C 151 -10.80 24.73 -3.76
N PRO C 152 -11.85 24.49 -4.56
CA PRO C 152 -11.81 24.82 -5.99
C PRO C 152 -11.35 26.25 -6.30
N GLY C 153 -10.54 26.38 -7.33
CA GLY C 153 -10.00 27.68 -7.71
C GLY C 153 -8.58 27.87 -7.20
N GLU C 154 -8.22 27.09 -6.18
CA GLU C 154 -6.89 27.18 -5.60
C GLU C 154 -5.90 26.29 -6.34
N THR C 155 -4.63 26.65 -6.26
CA THR C 155 -3.56 25.87 -6.89
C THR C 155 -2.59 25.36 -5.84
N VAL C 156 -2.31 24.07 -5.88
CA VAL C 156 -1.32 23.47 -5.00
C VAL C 156 -0.04 23.19 -5.78
N VAL C 157 1.07 23.74 -5.32
CA VAL C 157 2.34 23.58 -6.00
C VAL C 157 3.24 22.59 -5.26
N HIS C 158 3.71 21.58 -5.98
CA HIS C 158 4.56 20.54 -5.40
C HIS C 158 5.99 20.69 -5.92
N GLY C 159 6.85 21.29 -5.09
CA GLY C 159 8.23 21.52 -5.48
C GLY C 159 9.04 20.24 -5.61
N PRO C 160 10.09 20.27 -6.45
CA PRO C 160 10.95 19.11 -6.68
C PRO C 160 11.64 18.64 -5.40
N GLY C 161 11.53 17.35 -5.11
CA GLY C 161 12.15 16.79 -3.92
C GLY C 161 11.25 16.83 -2.70
N GLU C 162 10.12 17.52 -2.81
CA GLU C 162 9.18 17.61 -1.71
C GLU C 162 8.26 16.38 -1.68
N ALA C 163 7.84 16.01 -0.47
CA ALA C 163 6.94 14.88 -0.29
C ALA C 163 5.87 15.23 0.73
N THR C 164 4.61 15.05 0.37
CA THR C 164 3.51 15.32 1.27
C THR C 164 2.55 14.14 1.32
N ALA C 165 1.73 14.11 2.36
CA ALA C 165 0.58 13.21 2.39
C ALA C 165 -0.61 13.97 1.80
N VAL C 166 -1.33 13.31 0.90
CA VAL C 166 -2.45 13.97 0.24
C VAL C 166 -3.76 13.23 0.48
N GLU C 167 -4.86 13.97 0.43
CA GLU C 167 -6.19 13.40 0.55
C GLU C 167 -7.18 14.16 -0.31
N TRP C 168 -7.87 13.42 -1.18
CA TRP C 168 -8.92 14.01 -2.01
C TRP C 168 -10.28 13.63 -1.45
N GLY C 169 -11.19 14.60 -1.37
CA GLY C 169 -12.55 14.32 -0.98
C GLY C 169 -13.28 13.69 -2.15
N PRO C 170 -14.50 13.16 -1.90
CA PRO C 170 -15.30 12.59 -2.98
C PRO C 170 -15.57 13.63 -4.08
N ASN C 171 -15.56 13.18 -5.33
CA ASN C 171 -15.82 14.05 -6.48
C ASN C 171 -14.88 15.25 -6.54
N THR C 172 -13.59 15.00 -6.35
CA THR C 172 -12.57 16.03 -6.48
C THR C 172 -11.94 15.95 -7.85
N TRP C 173 -11.92 17.07 -8.57
CA TRP C 173 -11.35 17.09 -9.91
C TRP C 173 -10.42 18.29 -10.10
N MET C 174 -9.31 18.07 -10.80
CA MET C 174 -8.29 19.08 -10.92
C MET C 174 -7.53 19.03 -12.24
N VAL C 175 -6.83 20.11 -12.54
CA VAL C 175 -5.95 20.17 -13.70
C VAL C 175 -4.50 20.22 -13.23
N GLU C 176 -3.66 19.35 -13.77
CA GLU C 176 -2.30 19.24 -13.30
C GLU C 176 -1.27 19.55 -14.38
N TYR C 177 -0.34 20.43 -14.05
CA TYR C 177 0.78 20.72 -14.94
C TYR C 177 2.08 20.30 -14.28
N GLY C 178 2.93 19.61 -15.05
CA GLY C 178 4.19 19.13 -14.53
C GLY C 178 5.38 19.59 -15.36
N ARG C 179 6.50 19.82 -14.69
CA ARG C 179 7.71 20.30 -15.37
C ARG C 179 8.96 19.72 -14.74
N GLY C 180 9.69 18.91 -15.51
CA GLY C 180 10.90 18.28 -15.02
C GLY C 180 11.21 16.99 -15.77
N VAL C 181 11.81 16.04 -15.07
CA VAL C 181 12.09 14.74 -15.66
C VAL C 181 10.84 13.87 -15.64
N ILE C 182 10.03 14.03 -16.68
CA ILE C 182 8.72 13.36 -16.77
C ILE C 182 8.77 11.82 -16.76
N PRO C 183 9.75 11.21 -17.45
CA PRO C 183 9.79 9.73 -17.39
C PRO C 183 9.98 9.19 -15.97
N SER C 184 10.69 9.90 -15.12
CA SER C 184 10.90 9.47 -13.74
C SER C 184 9.59 9.53 -12.96
N THR C 185 8.74 10.48 -13.31
CA THR C 185 7.46 10.67 -12.62
C THR C 185 6.49 9.54 -12.93
N LEU C 186 6.57 9.02 -14.15
CA LEU C 186 5.70 7.93 -14.57
C LEU C 186 6.02 6.66 -13.79
N ALA C 187 7.28 6.50 -13.41
CA ALA C 187 7.71 5.35 -12.63
C ALA C 187 6.93 5.26 -11.32
N PHE C 188 6.74 6.41 -10.67
CA PHE C 188 5.95 6.45 -9.45
C PHE C 188 4.48 6.16 -9.72
N ALA C 189 3.95 6.79 -10.77
CA ALA C 189 2.53 6.70 -11.09
C ALA C 189 2.07 5.26 -11.39
N LEU C 190 3.02 4.39 -11.72
CA LEU C 190 2.70 3.01 -12.06
C LEU C 190 3.14 2.03 -10.98
N ALA C 191 3.59 2.55 -9.85
CA ALA C 191 4.11 1.73 -8.75
C ALA C 191 3.08 0.73 -8.24
N ASP C 192 1.92 1.23 -7.80
CA ASP C 192 0.86 0.37 -7.28
C ASP C 192 0.25 -0.49 -8.38
N THR C 193 0.27 0.01 -9.61
CA THR C 193 -0.28 -0.74 -10.73
C THR C 193 0.51 -2.02 -10.96
N VAL C 194 1.82 -1.96 -10.72
CA VAL C 194 2.68 -3.11 -10.95
C VAL C 194 2.74 -4.05 -9.74
N PHE C 195 2.79 -3.48 -8.54
CA PHE C 195 3.01 -4.28 -7.33
C PHE C 195 1.79 -4.43 -6.43
N SER C 196 0.64 -3.89 -6.84
CA SER C 196 -0.54 -3.95 -5.99
C SER C 196 -1.80 -4.37 -6.74
N THR C 197 -2.06 -3.74 -7.89
CA THR C 197 -3.27 -4.03 -8.64
C THR C 197 -3.02 -5.05 -9.75
N GLN C 198 -1.78 -5.09 -10.23
CA GLN C 198 -1.40 -5.98 -11.33
C GLN C 198 -2.30 -5.78 -12.55
N ASP C 199 -2.71 -4.54 -12.76
CA ASP C 199 -3.60 -4.18 -13.86
C ASP C 199 -2.77 -3.84 -15.10
N PHE C 200 -2.39 -4.87 -15.85
CA PHE C 200 -1.55 -4.69 -17.04
C PHE C 200 -2.26 -3.84 -18.10
N LEU C 201 -3.56 -4.03 -18.21
CA LEU C 201 -4.37 -3.26 -19.16
C LEU C 201 -4.26 -1.77 -18.89
N THR C 202 -4.41 -1.40 -17.62
CA THR C 202 -4.23 -0.01 -17.19
C THR C 202 -2.79 0.44 -17.43
N LEU C 203 -1.84 -0.45 -17.15
CA LEU C 203 -0.43 -0.17 -17.40
C LEU C 203 -0.20 0.13 -18.87
N PHE C 204 -0.81 -0.68 -19.74
CA PHE C 204 -0.70 -0.48 -21.18
C PHE C 204 -1.34 0.84 -21.62
N TYR C 205 -2.53 1.13 -21.09
CA TYR C 205 -3.23 2.37 -21.41
C TYR C 205 -2.39 3.60 -21.07
N THR C 206 -1.76 3.57 -19.91
CA THR C 206 -0.95 4.68 -19.44
C THR C 206 0.25 4.92 -20.35
N LEU C 207 1.01 3.87 -20.61
CA LEU C 207 2.17 3.96 -21.48
C LEU C 207 1.79 4.38 -22.89
N ARG C 208 0.63 3.90 -23.37
CA ARG C 208 0.16 4.29 -24.69
C ARG C 208 -0.20 5.78 -24.73
N SER C 209 -0.80 6.27 -23.64
CA SER C 209 -1.14 7.69 -23.54
C SER C 209 0.11 8.56 -23.65
N TYR C 210 1.19 8.13 -22.99
CA TYR C 210 2.45 8.85 -23.03
C TYR C 210 3.04 8.82 -24.44
N ALA C 211 3.02 7.65 -25.07
CA ALA C 211 3.55 7.47 -26.41
C ALA C 211 2.84 8.38 -27.41
N ARG C 212 1.53 8.49 -27.26
CA ARG C 212 0.73 9.36 -28.11
C ARG C 212 1.09 10.82 -27.91
N GLY C 213 1.36 11.20 -26.66
CA GLY C 213 1.79 12.55 -26.36
C GLY C 213 3.15 12.84 -27.00
N LEU C 214 4.06 11.90 -26.87
CA LEU C 214 5.41 12.05 -27.42
C LEU C 214 5.37 12.14 -28.94
N ARG C 215 4.56 11.28 -29.57
CA ARG C 215 4.41 11.27 -31.02
C ARG C 215 3.93 12.63 -31.53
N LEU C 216 2.88 13.15 -30.90
CA LEU C 216 2.32 14.44 -31.27
C LEU C 216 3.37 15.54 -31.13
N GLU C 217 4.14 15.48 -30.05
CA GLU C 217 5.16 16.48 -29.79
C GLU C 217 6.30 16.37 -30.80
N LEU C 218 6.60 15.13 -31.20
CA LEU C 218 7.65 14.88 -32.18
C LEU C 218 7.26 15.40 -33.55
N THR C 219 6.01 15.19 -33.94
CA THR C 219 5.52 15.64 -35.23
C THR C 219 5.49 17.17 -35.31
N THR C 220 4.90 17.79 -34.30
CA THR C 220 4.78 19.24 -34.24
C THR C 220 6.15 19.92 -34.25
N TYR C 221 7.11 19.30 -33.58
CA TYR C 221 8.47 19.81 -33.56
C TYR C 221 9.10 19.76 -34.94
N LEU C 222 8.87 18.66 -35.65
CA LEU C 222 9.51 18.43 -36.95
C LEU C 222 8.78 19.10 -38.10
N PHE C 223 7.45 19.09 -38.07
CA PHE C 223 6.67 19.52 -39.23
C PHE C 223 5.69 20.65 -38.92
N GLY C 224 5.82 21.25 -37.74
CA GLY C 224 4.96 22.34 -37.35
C GLY C 224 3.56 21.89 -37.02
C10 61W D . -12.01 -11.38 -2.88
C11 61W D . -11.90 -12.59 -3.58
C12 61W D . -11.16 -13.59 -2.76
C15 61W D . -10.82 -15.04 -3.11
C16 61W D . -11.01 -15.63 -4.38
C17 61W D . -10.68 -16.97 -4.68
C18 61W D . -10.15 -17.86 -3.73
C19 61W D . -9.96 -17.30 -2.46
C20 61W D . -10.28 -15.95 -2.17
C21 61W D . -9.81 -19.31 -4.06
C01 61W D . -15.69 -6.84 -7.46
C02 61W D . -15.59 -7.98 -6.48
C03 61W D . -14.14 -8.14 -6.08
N04 61W D . -14.11 -8.93 -4.80
C05 61W D . -14.39 -7.84 -3.85
C06 61W D . -14.43 -8.47 -2.50
C07 61W D . -13.31 -9.36 -2.16
C08 61W D . -12.59 -10.09 -3.16
C09 61W D . -12.77 -9.51 -4.52
N13 61W D . -10.86 -12.91 -1.62
O14 61W D . -11.34 -11.64 -1.68
S SO4 E . -5.92 -29.63 6.98
O1 SO4 E . -7.33 -29.63 7.33
O2 SO4 E . -5.76 -29.22 5.58
O3 SO4 E . -5.19 -28.72 7.85
O4 SO4 E . -5.39 -30.99 7.15
S SO4 F . -26.79 -19.82 -13.54
O1 SO4 F . -26.10 -18.94 -12.60
O2 SO4 F . -28.22 -19.52 -13.54
O3 SO4 F . -26.57 -21.21 -13.16
O4 SO4 F . -26.25 -19.60 -14.88
S SO4 G . -25.55 -5.45 11.43
O1 SO4 G . -25.69 -5.84 12.83
O2 SO4 G . -26.67 -4.59 11.05
O3 SO4 G . -25.54 -6.63 10.58
O4 SO4 G . -24.30 -4.71 11.26
S SO4 H . -4.42 -23.79 12.79
O1 SO4 H . -5.09 -24.91 12.13
O2 SO4 H . -5.30 -22.62 12.78
O3 SO4 H . -4.12 -24.15 14.18
O4 SO4 H . -3.19 -23.47 12.09
S SO4 I . -8.12 4.95 2.73
O1 SO4 I . -7.68 6.32 2.99
O2 SO4 I . -9.06 4.95 1.61
O3 SO4 I . -8.77 4.41 3.92
O4 SO4 I . -6.97 4.12 2.39
S SO4 J . -37.23 -17.81 7.28
O1 SO4 J . -38.52 -18.48 7.11
O2 SO4 J . -37.43 -16.36 7.28
O3 SO4 J . -36.61 -18.22 8.53
O4 SO4 J . -36.35 -18.18 6.17
S SO4 K . -22.33 5.59 -18.29
O1 SO4 K . -23.37 6.02 -19.21
O2 SO4 K . -22.91 5.44 -16.95
O3 SO4 K . -21.28 6.60 -18.25
O4 SO4 K . -21.77 4.32 -18.72
C24 OLC L . -21.20 -16.96 -16.32
C6 OLC L . -11.19 -15.79 -20.37
C5 OLC L . -12.07 -16.21 -19.22
C4 OLC L . -13.24 -15.26 -19.02
C3 OLC L . -14.26 -15.81 -18.06
C2 OLC L . -15.61 -15.14 -18.24
C21 OLC L . -18.90 -16.10 -16.66
C1 OLC L . -16.67 -15.73 -17.33
C22 OLC L . -20.18 -16.53 -17.35
O19 OLC L . -16.34 -16.34 -16.34
O25 OLC L . -22.10 -17.86 -16.93
O23 OLC L . -20.70 -15.45 -18.09
O20 OLC L . -18.04 -15.57 -17.63
C24 OLC M . -16.37 -25.97 -15.19
C5 OLC M . -8.14 -24.49 -15.19
C4 OLC M . -9.26 -23.59 -15.67
C3 OLC M . -10.44 -23.58 -14.74
C2 OLC M . -11.66 -22.93 -15.35
C21 OLC M . -14.02 -25.63 -15.84
C1 OLC M . -12.46 -23.90 -16.20
C22 OLC M . -15.42 -25.87 -16.35
O19 OLC M . -11.97 -24.35 -17.21
O25 OLC M . -17.69 -25.77 -15.67
O23 OLC M . -15.80 -24.80 -17.20
O20 OLC M . -13.77 -24.24 -15.82
C10 61W N . 6.02 1.90 13.24
C11 61W N . 7.19 1.23 13.58
C12 61W N . 8.37 2.02 13.19
C15 61W N . 9.87 1.67 13.38
C16 61W N . 10.35 0.59 14.13
C17 61W N . 11.73 0.28 14.30
C18 61W N . 12.76 1.06 13.73
C19 61W N . 12.29 2.16 12.98
C20 61W N . 10.91 2.45 12.81
C21 61W N . 14.24 0.75 13.91
C01 61W N . 0.51 -2.28 15.98
C02 61W N . 1.39 -1.05 15.98
C03 61W N . 2.11 -0.98 14.65
N04 61W N . 2.81 0.34 14.58
C05 61W N . 1.73 1.12 13.94
C06 61W N . 2.27 2.51 13.81
C07 61W N . 3.60 2.64 13.23
C08 61W N . 4.61 1.62 13.37
C09 61W N . 4.02 0.30 13.70
N13 61W N . 7.84 3.14 12.61
O14 61W N . 6.48 3.07 12.63
S SO4 O . 25.08 11.57 11.09
O1 SO4 O . 24.42 12.55 10.22
O2 SO4 O . 25.18 12.12 12.44
O3 SO4 O . 26.43 11.30 10.57
O4 SO4 O . 24.31 10.34 11.12
S SO4 P . 20.22 16.56 6.78
O1 SO4 P . 18.92 15.91 6.60
O2 SO4 P . 20.17 17.90 6.22
O3 SO4 P . 20.53 16.64 8.20
O4 SO4 P . 21.25 15.78 6.10
S SO4 Q . 9.80 -5.60 32.32
O1 SO4 Q . 9.50 -5.77 33.74
O2 SO4 Q . 8.89 -4.58 31.78
O3 SO4 Q . 9.59 -6.86 31.61
O4 SO4 Q . 11.18 -5.19 32.14
S SO4 R . -5.01 18.28 19.80
O1 SO4 R . -5.63 17.22 19.03
O2 SO4 R . -5.94 19.40 19.91
O3 SO4 R . -4.66 17.80 21.14
O4 SO4 R . -3.80 18.73 19.13
C10 61W S . -0.26 11.78 -11.68
C11 61W S . 0.73 11.98 -12.62
C12 61W S . 0.51 11.12 -13.80
C15 61W S . 1.35 11.04 -15.07
C16 61W S . 2.59 11.68 -15.24
C17 61W S . 3.36 11.60 -16.43
C18 61W S . 2.96 10.84 -17.54
C19 61W S . 1.73 10.19 -17.39
C20 61W S . 0.96 10.29 -16.20
C21 61W S . 3.80 10.76 -18.80
C01 61W S . 2.00 16.34 -6.56
C02 61W S . 0.75 15.87 -7.27
C03 61W S . 0.88 14.39 -7.50
N04 61W S . -0.08 14.02 -8.60
C05 61W S . -1.21 13.57 -7.76
C06 61W S . -2.28 13.23 -8.73
C07 61W S . -1.90 12.35 -9.84
C08 61W S . -0.57 12.31 -10.36
C09 61W S . 0.42 12.90 -9.43
N13 61W S . -0.62 10.44 -13.50
O14 61W S . -1.07 10.80 -12.28
S SO4 T . -2.49 4.41 -31.69
O1 SO4 T . -3.66 3.55 -31.52
O2 SO4 T . -2.91 5.81 -31.71
O3 SO4 T . -1.57 4.19 -30.58
O4 SO4 T . -1.83 4.08 -32.95
S SO4 U . 8.62 30.11 -17.96
O1 SO4 U . 7.42 30.23 -17.13
O2 SO4 U . 9.01 31.43 -18.45
O3 SO4 U . 9.71 29.54 -17.16
O4 SO4 U . 8.35 29.23 -19.10
S SO4 V . -8.62 0.64 -29.29
O1 SO4 V . -9.96 0.05 -29.29
O2 SO4 V . -8.71 2.10 -29.40
O3 SO4 V . -7.96 0.29 -28.04
O4 SO4 V . -7.87 0.13 -30.44
C24 OLC W . 10.10 18.82 -27.39
C4 OLC W . 11.37 10.61 -29.18
C3 OLC W . 10.80 11.69 -28.28
C2 OLC W . 10.84 13.05 -28.92
C21 OLC W . 10.19 16.39 -27.77
C1 OLC W . 10.05 14.07 -28.11
C22 OLC W . 9.58 17.68 -28.24
O19 OLC W . 9.64 13.76 -27.02
O25 OLC W . 10.82 19.70 -28.20
O23 OLC W . 9.93 17.91 -29.58
O20 OLC W . 9.79 15.34 -28.63
C24 OLC X . 12.80 19.01 -24.88
C3 OLC X . 14.92 14.39 -28.62
C2 OLC X . 15.89 14.53 -27.47
C21 OLC X . 13.65 17.13 -26.23
C1 OLC X . 15.40 15.54 -26.44
C22 OLC X . 13.98 18.11 -25.12
O19 OLC X . 15.49 15.29 -25.25
O25 OLC X . 11.95 18.38 -23.94
O23 OLC X . 14.29 17.39 -23.95
O20 OLC X . 14.85 16.76 -26.86
C24 OLC Y . 14.00 20.14 -16.54
C5 OLC Y . 15.14 11.63 -20.63
C4 OLC Y . 14.74 12.57 -19.51
C3 OLC Y . 14.55 13.99 -19.99
C2 OLC Y . 14.01 14.88 -18.90
C21 OLC Y . 14.29 18.48 -18.35
C1 OLC Y . 13.98 16.34 -19.31
C22 OLC Y . 13.43 19.60 -17.83
O19 OLC Y . 14.36 16.68 -20.41
O25 OLC Y . 13.81 21.54 -16.51
O23 OLC Y . 13.39 20.65 -18.78
O20 OLC Y . 13.51 17.31 -18.40
C24 OLC Z . 11.64 22.89 -11.07
C5 OLC Z . 17.65 17.13 -11.72
C4 OLC Z . 16.23 16.70 -11.45
C3 OLC Z . 15.54 17.60 -10.45
C2 OLC Z . 15.53 19.05 -10.88
C21 OLC Z . 13.21 21.01 -11.39
C1 OLC Z . 14.65 19.29 -12.10
C22 OLC Z . 11.90 21.62 -11.85
O19 OLC Z . 15.10 19.13 -13.21
O25 OLC Z . 11.72 23.98 -11.96
O23 OLC Z . 11.98 21.92 -13.22
O20 OLC Z . 13.32 19.72 -11.94
C24 OLC AA . 15.52 21.15 -27.99
C3 OLC AA . 20.29 16.31 -27.12
C2 OLC AA . 18.85 16.77 -27.05
C21 OLC AA . 17.82 20.36 -27.52
C1 OLC AA . 18.66 18.16 -27.63
C22 OLC AA . 16.65 21.16 -26.99
O19 OLC AA . 19.34 18.52 -28.56
O25 OLC AA . 14.36 20.66 -27.37
O23 OLC AA . 16.21 20.58 -25.78
O20 OLC AA . 17.69 19.02 -27.09
#